data_2RDH
#
_entry.id   2RDH
#
_cell.length_a   54.391
_cell.length_b   98.152
_cell.length_c   79.515
_cell.angle_alpha   90.00
_cell.angle_beta   91.47
_cell.angle_gamma   90.00
#
_symmetry.space_group_name_H-M   'P 1 21 1'
#
loop_
_entity.id
_entity.type
_entity.pdbx_description
1 polymer 'Superantigen-like protein 11'
2 non-polymer 'PHOSPHATE ION'
3 non-polymer 'SODIUM ION'
4 water water
#
_entity_poly.entity_id   1
_entity_poly.type   'polypeptide(L)'
_entity_poly.pdbx_seq_one_letter_code
;STLEVRSQATQDLSEYYNRPYFDLRNLSGYREGNTVTFINHYQQTDVKLEGKDKDKIKDGNNENLDVFVVREGSGRQADN
NSIGGITKTNRTQHIDTVQNVNLLVSKSTGQHTTSVTSTNYSIYKEEISLKELDFKLRKHLIDKHDLYKTEPKDSKIRVT
MKNGDFYTFELNKKLQTHRMGDVIDGRNIEKIEVNL
;
_entity_poly.pdbx_strand_id   A,B,C,D
#
loop_
_chem_comp.id
_chem_comp.type
_chem_comp.name
_chem_comp.formula
NA non-polymer 'SODIUM ION' 'Na 1'
PO4 non-polymer 'PHOSPHATE ION' 'O4 P -3'
#
# COMPACT_ATOMS: atom_id res chain seq x y z
N ARG A 6 -5.05 14.30 6.67
CA ARG A 6 -5.75 13.28 5.84
C ARG A 6 -5.85 11.96 6.57
N SER A 7 -7.07 11.46 6.70
CA SER A 7 -7.26 10.22 7.42
C SER A 7 -7.13 9.04 6.47
N GLN A 8 -6.65 7.92 7.02
CA GLN A 8 -6.65 6.67 6.29
C GLN A 8 -8.06 6.28 5.88
N ALA A 9 -9.04 6.61 6.73
CA ALA A 9 -10.41 6.28 6.42
C ALA A 9 -10.79 6.98 5.10
N THR A 10 -10.37 8.22 4.93
CA THR A 10 -10.69 8.98 3.71
C THR A 10 -9.95 8.42 2.49
N GLN A 11 -8.65 8.19 2.64
CA GLN A 11 -7.86 7.52 1.63
C GLN A 11 -8.50 6.20 1.19
N ASP A 12 -8.98 5.39 2.15
CA ASP A 12 -9.67 4.12 1.82
C ASP A 12 -10.94 4.36 1.01
N LEU A 13 -11.67 5.42 1.33
CA LEU A 13 -12.93 5.68 0.62
C LEU A 13 -12.63 6.08 -0.81
N SER A 14 -11.56 6.85 -0.97
CA SER A 14 -11.09 7.29 -2.29
C SER A 14 -10.71 6.09 -3.14
N GLU A 15 -9.94 5.19 -2.54
CA GLU A 15 -9.50 3.98 -3.22
C GLU A 15 -10.65 3.09 -3.60
N TYR A 16 -11.61 2.92 -2.69
CA TYR A 16 -12.74 2.05 -2.98
C TYR A 16 -13.62 2.60 -4.12
N TYR A 17 -13.90 3.90 -4.07
CA TYR A 17 -14.89 4.49 -4.96
C TYR A 17 -14.29 4.97 -6.28
N ASN A 18 -13.01 5.31 -6.30
CA ASN A 18 -12.40 5.85 -7.54
C ASN A 18 -11.79 4.74 -8.43
N ARG A 19 -12.68 3.89 -8.93
CA ARG A 19 -12.33 2.64 -9.59
C ARG A 19 -13.38 2.28 -10.63
N PRO A 20 -13.02 1.43 -11.60
CA PRO A 20 -14.05 0.95 -12.50
C PRO A 20 -15.05 0.02 -11.84
N TYR A 21 -16.24 0.00 -12.41
CA TYR A 21 -17.25 -1.03 -12.12
C TYR A 21 -17.48 -1.80 -13.41
N PHE A 22 -18.18 -2.93 -13.32
CA PHE A 22 -18.51 -3.70 -14.50
C PHE A 22 -20.01 -3.92 -14.50
N ASP A 23 -20.62 -3.85 -15.66
CA ASP A 23 -22.04 -4.06 -15.81
C ASP A 23 -22.22 -5.38 -16.54
N LEU A 24 -23.09 -6.21 -16.00
CA LEU A 24 -23.58 -7.39 -16.70
C LEU A 24 -25.03 -7.11 -17.00
N ARG A 25 -25.45 -7.38 -18.23
CA ARG A 25 -26.81 -7.06 -18.62
CA ARG A 25 -26.80 -7.06 -18.65
C ARG A 25 -27.54 -8.26 -19.22
N ASN A 26 -28.75 -8.46 -18.71
CA ASN A 26 -29.68 -9.48 -19.25
C ASN A 26 -29.07 -10.87 -19.30
N LEU A 27 -28.67 -11.32 -18.12
CA LEU A 27 -28.01 -12.61 -17.90
C LEU A 27 -28.74 -13.41 -16.85
N SER A 28 -28.53 -14.73 -16.89
CA SER A 28 -28.99 -15.60 -15.82
C SER A 28 -27.99 -15.65 -14.66
N GLY A 29 -28.53 -15.67 -13.46
CA GLY A 29 -27.74 -15.86 -12.25
C GLY A 29 -28.18 -17.13 -11.52
N TYR A 30 -27.20 -17.93 -11.13
CA TYR A 30 -27.48 -19.22 -10.49
C TYR A 30 -27.20 -19.07 -9.00
N ARG A 31 -28.24 -19.09 -8.17
CA ARG A 31 -28.09 -19.00 -6.71
C ARG A 31 -28.01 -20.36 -5.97
N GLU A 32 -27.00 -20.48 -5.12
CA GLU A 32 -26.93 -21.58 -4.17
C GLU A 32 -26.46 -20.95 -2.87
N GLY A 33 -27.16 -21.25 -1.78
CA GLY A 33 -26.84 -20.62 -0.49
C GLY A 33 -27.06 -19.12 -0.67
N ASN A 34 -26.09 -18.29 -0.26
CA ASN A 34 -26.23 -16.84 -0.42
C ASN A 34 -25.29 -16.27 -1.45
N THR A 35 -24.97 -17.08 -2.43
CA THR A 35 -24.13 -16.60 -3.53
C THR A 35 -24.84 -16.82 -4.85
N VAL A 36 -24.71 -15.83 -5.76
CA VAL A 36 -25.30 -15.92 -7.09
C VAL A 36 -24.14 -15.85 -8.06
N THR A 37 -24.07 -16.82 -8.98
CA THR A 37 -22.97 -16.82 -9.92
C THR A 37 -23.44 -16.53 -11.34
N PHE A 38 -22.61 -15.75 -12.05
CA PHE A 38 -22.87 -15.29 -13.42
C PHE A 38 -21.65 -15.66 -14.23
N ILE A 39 -21.88 -16.08 -15.47
CA ILE A 39 -20.81 -16.38 -16.43
C ILE A 39 -20.97 -15.44 -17.60
N ASN A 40 -19.87 -14.83 -18.01
CA ASN A 40 -19.87 -13.82 -19.04
C ASN A 40 -18.44 -13.69 -19.64
N HIS A 41 -18.32 -13.91 -20.94
CA HIS A 41 -17.00 -13.90 -21.61
C HIS A 41 -15.98 -14.76 -20.85
N TYR A 42 -16.36 -15.99 -20.52
CA TYR A 42 -15.45 -16.95 -19.85
C TYR A 42 -14.96 -16.52 -18.50
N GLN A 43 -15.67 -15.59 -17.85
CA GLN A 43 -15.30 -15.15 -16.51
C GLN A 43 -16.46 -15.40 -15.59
N GLN A 44 -16.17 -15.85 -14.39
CA GLN A 44 -17.20 -16.05 -13.39
C GLN A 44 -17.27 -14.85 -12.43
N THR A 45 -18.49 -14.36 -12.23
CA THR A 45 -18.72 -13.28 -11.26
C THR A 45 -19.64 -13.86 -10.19
N ASP A 46 -19.13 -13.82 -8.97
CA ASP A 46 -19.84 -14.32 -7.80
C ASP A 46 -20.34 -13.18 -6.97
N VAL A 47 -21.62 -13.22 -6.67
CA VAL A 47 -22.22 -12.09 -5.97
C VAL A 47 -22.83 -12.56 -4.65
N LYS A 48 -22.48 -11.88 -3.56
CA LYS A 48 -22.98 -12.23 -2.25
C LYS A 48 -24.27 -11.51 -1.96
N LEU A 49 -25.25 -12.28 -1.45
CA LEU A 49 -26.51 -11.77 -0.95
C LEU A 49 -26.43 -11.54 0.56
N GLU A 50 -26.59 -10.28 0.94
CA GLU A 50 -26.30 -9.83 2.31
C GLU A 50 -27.39 -8.97 2.92
N GLY A 51 -28.50 -8.78 2.22
CA GLY A 51 -29.64 -8.06 2.79
C GLY A 51 -30.98 -8.68 2.43
N LYS A 52 -31.96 -7.81 2.18
CA LYS A 52 -33.27 -8.20 1.62
C LYS A 52 -33.20 -8.89 0.25
N ASP A 53 -32.07 -8.74 -0.48
CA ASP A 53 -31.93 -9.48 -1.75
C ASP A 53 -32.03 -11.01 -1.57
N LYS A 54 -31.70 -11.49 -0.37
CA LYS A 54 -31.88 -12.91 -0.04
C LYS A 54 -33.34 -13.37 -0.21
N ASP A 55 -34.27 -12.43 -0.14
CA ASP A 55 -35.70 -12.72 -0.27
C ASP A 55 -36.20 -12.58 -1.70
N LYS A 56 -35.44 -11.88 -2.53
CA LYS A 56 -35.85 -11.54 -3.89
C LYS A 56 -35.34 -12.59 -4.89
N ILE A 57 -34.09 -13.00 -4.72
CA ILE A 57 -33.45 -13.93 -5.64
C ILE A 57 -33.76 -15.36 -5.24
N LYS A 58 -34.29 -16.12 -6.20
CA LYS A 58 -34.72 -17.50 -5.98
C LYS A 58 -33.55 -18.46 -5.95
N ASP A 59 -33.62 -19.53 -5.16
CA ASP A 59 -32.61 -20.59 -5.26
C ASP A 59 -32.62 -21.18 -6.69
N GLY A 60 -31.44 -21.52 -7.21
CA GLY A 60 -31.33 -22.03 -8.58
C GLY A 60 -31.18 -20.93 -9.63
N ASN A 61 -31.63 -21.20 -10.86
CA ASN A 61 -31.48 -20.23 -11.96
CA ASN A 61 -31.44 -20.22 -11.94
C ASN A 61 -32.47 -19.10 -11.89
N ASN A 62 -31.98 -17.90 -12.17
CA ASN A 62 -32.77 -16.67 -12.23
C ASN A 62 -32.49 -15.96 -13.55
N GLU A 63 -33.49 -15.85 -14.40
CA GLU A 63 -33.28 -15.34 -15.74
C GLU A 63 -33.42 -13.81 -15.82
N ASN A 64 -32.86 -13.22 -16.87
CA ASN A 64 -33.06 -11.80 -17.18
C ASN A 64 -32.74 -10.86 -16.01
N LEU A 65 -31.53 -11.02 -15.49
CA LEU A 65 -30.98 -10.13 -14.48
C LEU A 65 -29.93 -9.14 -15.01
N ASP A 66 -29.79 -7.99 -14.34
CA ASP A 66 -28.62 -7.13 -14.55
C ASP A 66 -27.83 -7.16 -13.26
N VAL A 67 -26.53 -6.93 -13.36
CA VAL A 67 -25.69 -6.88 -12.16
C VAL A 67 -24.70 -5.74 -12.26
N PHE A 68 -24.65 -4.92 -11.21
CA PHE A 68 -23.67 -3.83 -11.12
C PHE A 68 -22.54 -4.36 -10.23
N VAL A 69 -21.37 -4.51 -10.82
CA VAL A 69 -20.27 -5.24 -10.16
C VAL A 69 -19.11 -4.32 -9.73
N VAL A 70 -18.77 -4.40 -8.45
CA VAL A 70 -17.62 -3.73 -7.90
C VAL A 70 -16.78 -4.79 -7.17
N ARG A 71 -15.55 -5.01 -7.62
CA ARG A 71 -14.67 -6.01 -7.02
C ARG A 71 -14.39 -5.63 -5.57
N GLU A 72 -14.60 -6.54 -4.62
CA GLU A 72 -14.43 -6.13 -3.22
C GLU A 72 -12.97 -6.19 -2.73
N ASP A 79 -11.78 -14.32 -11.13
CA ASP A 79 -13.17 -14.10 -10.70
C ASP A 79 -13.38 -12.67 -10.22
N ASN A 80 -14.56 -12.11 -10.48
CA ASN A 80 -14.96 -10.86 -9.83
C ASN A 80 -15.84 -11.27 -8.65
N ASN A 81 -15.48 -10.81 -7.45
CA ASN A 81 -16.35 -11.00 -6.27
C ASN A 81 -16.95 -9.66 -5.84
N SER A 82 -18.25 -9.62 -5.62
CA SER A 82 -18.96 -8.37 -5.41
C SER A 82 -20.18 -8.62 -4.47
N ILE A 83 -20.80 -7.56 -3.95
CA ILE A 83 -21.88 -7.71 -3.00
C ILE A 83 -23.10 -6.95 -3.51
N GLY A 84 -24.24 -7.62 -3.58
CA GLY A 84 -25.50 -6.97 -4.03
C GLY A 84 -25.47 -6.54 -5.49
N GLY A 85 -26.14 -5.43 -5.79
CA GLY A 85 -26.14 -4.90 -7.18
C GLY A 85 -26.99 -5.63 -8.21
N ILE A 86 -27.78 -6.62 -7.78
CA ILE A 86 -28.60 -7.37 -8.73
C ILE A 86 -29.97 -6.73 -8.92
N THR A 87 -30.40 -6.61 -10.17
CA THR A 87 -31.73 -6.06 -10.46
C THR A 87 -32.35 -6.86 -11.60
N LYS A 88 -33.65 -6.67 -11.79
CA LYS A 88 -34.36 -7.12 -12.97
C LYS A 88 -33.87 -6.29 -14.16
N THR A 89 -33.68 -6.95 -15.29
CA THR A 89 -33.27 -6.25 -16.48
C THR A 89 -34.47 -5.43 -17.01
N ASN A 90 -34.16 -4.41 -17.76
CA ASN A 90 -35.21 -3.62 -18.43
C ASN A 90 -36.08 -4.53 -19.26
N ARG A 91 -37.38 -4.35 -19.08
CA ARG A 91 -38.42 -5.16 -19.76
C ARG A 91 -38.83 -4.41 -21.02
N THR A 92 -38.89 -3.08 -20.87
CA THR A 92 -39.06 -2.12 -21.96
C THR A 92 -37.68 -1.66 -22.41
N GLN A 93 -37.46 -1.70 -23.72
CA GLN A 93 -36.23 -1.18 -24.33
C GLN A 93 -36.46 0.29 -24.66
N HIS A 94 -35.78 1.17 -23.92
CA HIS A 94 -35.97 2.63 -24.05
C HIS A 94 -34.95 3.27 -24.99
N ILE A 95 -35.41 4.22 -25.80
CA ILE A 95 -34.48 5.02 -26.60
C ILE A 95 -33.93 6.19 -25.75
N ASP A 96 -34.79 7.10 -25.34
CA ASP A 96 -34.44 8.16 -24.37
C ASP A 96 -34.25 7.57 -22.97
N THR A 97 -33.78 8.39 -22.04
CA THR A 97 -33.48 7.91 -20.70
C THR A 97 -34.72 7.35 -20.02
N VAL A 98 -34.53 6.47 -19.06
CA VAL A 98 -35.64 6.01 -18.26
C VAL A 98 -36.22 7.14 -17.41
N GLN A 99 -35.34 7.91 -16.79
CA GLN A 99 -35.80 9.02 -15.97
C GLN A 99 -34.70 10.06 -15.94
N ASN A 100 -35.11 11.32 -16.03
CA ASN A 100 -34.21 12.41 -15.77
C ASN A 100 -34.44 12.92 -14.36
N VAL A 101 -33.36 13.15 -13.63
CA VAL A 101 -33.46 13.56 -12.24
C VAL A 101 -32.56 14.78 -12.01
N ASN A 102 -33.11 15.84 -11.39
CA ASN A 102 -32.32 17.04 -11.07
C ASN A 102 -31.36 16.69 -9.89
N LEU A 103 -30.06 16.86 -10.13
CA LEU A 103 -29.04 16.65 -9.13
C LEU A 103 -28.56 18.02 -8.68
N LEU A 104 -28.67 18.23 -7.36
CA LEU A 104 -28.33 19.50 -6.73
C LEU A 104 -27.16 19.24 -5.78
N VAL A 105 -26.01 19.88 -6.01
CA VAL A 105 -24.83 19.69 -5.13
C VAL A 105 -24.53 21.05 -4.51
N SER A 106 -24.61 21.10 -3.18
CA SER A 106 -24.45 22.35 -2.47
C SER A 106 -23.19 22.20 -1.66
N LYS A 107 -22.18 22.99 -2.01
CA LYS A 107 -20.91 22.94 -1.32
C LYS A 107 -20.74 24.19 -0.47
N SER A 108 -20.59 24.00 0.85
CA SER A 108 -20.34 25.14 1.72
C SER A 108 -18.95 25.68 1.40
N THR A 109 -18.88 27.00 1.22
CA THR A 109 -17.64 27.70 0.86
C THR A 109 -17.23 28.70 1.94
N GLY A 110 -17.88 28.64 3.08
CA GLY A 110 -17.70 29.63 4.12
C GLY A 110 -18.87 29.59 5.08
N GLN A 111 -18.79 30.42 6.12
CA GLN A 111 -19.81 30.58 7.17
C GLN A 111 -21.23 30.82 6.61
N HIS A 112 -21.30 31.72 5.62
CA HIS A 112 -22.58 32.14 5.04
C HIS A 112 -22.77 31.88 3.57
N THR A 113 -21.84 31.17 2.95
CA THR A 113 -21.85 31.03 1.50
C THR A 113 -21.85 29.59 1.08
N THR A 114 -22.51 29.37 -0.06
CA THR A 114 -22.67 28.04 -0.63
C THR A 114 -22.54 28.15 -2.13
N SER A 115 -21.82 27.21 -2.74
CA SER A 115 -21.79 27.08 -4.20
C SER A 115 -22.74 25.97 -4.59
N VAL A 116 -23.74 26.29 -5.42
CA VAL A 116 -24.78 25.29 -5.77
C VAL A 116 -24.66 24.93 -7.27
N THR A 117 -24.68 23.64 -7.58
CA THR A 117 -24.61 23.18 -8.96
C THR A 117 -25.84 22.32 -9.21
N SER A 118 -26.61 22.64 -10.23
CA SER A 118 -27.91 22.03 -10.43
C SER A 118 -27.90 21.50 -11.86
N THR A 119 -27.92 20.16 -11.99
CA THR A 119 -27.71 19.51 -13.28
C THR A 119 -28.74 18.41 -13.48
N ASN A 120 -28.77 17.83 -14.67
CA ASN A 120 -29.57 16.65 -14.94
C ASN A 120 -28.76 15.36 -14.75
N TYR A 121 -29.31 14.39 -14.02
CA TYR A 121 -28.70 13.11 -13.79
C TYR A 121 -29.56 12.05 -14.48
N SER A 122 -28.96 11.24 -15.35
CA SER A 122 -29.74 10.38 -16.22
C SER A 122 -29.81 8.99 -15.65
N ILE A 123 -31.03 8.47 -15.55
CA ILE A 123 -31.27 7.09 -15.14
C ILE A 123 -31.63 6.24 -16.36
N TYR A 124 -30.96 5.08 -16.51
CA TYR A 124 -31.13 4.26 -17.71
C TYR A 124 -31.78 2.92 -17.40
N LYS A 125 -32.05 2.67 -16.12
CA LYS A 125 -32.55 1.38 -15.66
C LYS A 125 -33.91 1.54 -14.95
N GLU A 126 -34.87 0.71 -15.35
CA GLU A 126 -36.19 0.66 -14.71
C GLU A 126 -36.11 0.27 -13.27
N GLU A 127 -35.24 -0.69 -12.96
CA GLU A 127 -34.93 -1.06 -11.57
C GLU A 127 -33.45 -0.87 -11.31
N ILE A 128 -33.14 -0.09 -10.27
CA ILE A 128 -31.75 0.22 -10.00
C ILE A 128 -31.42 -0.04 -8.52
N SER A 129 -30.25 -0.64 -8.28
CA SER A 129 -29.83 -0.93 -6.91
C SER A 129 -29.29 0.33 -6.23
N LEU A 130 -29.46 0.37 -4.91
CA LEU A 130 -28.73 1.37 -4.11
C LEU A 130 -27.21 1.36 -4.37
N LYS A 131 -26.63 0.16 -4.58
CA LYS A 131 -25.20 0.02 -4.87
C LYS A 131 -24.81 0.91 -6.05
N GLU A 132 -25.56 0.78 -7.13
CA GLU A 132 -25.25 1.47 -8.37
C GLU A 132 -25.42 2.97 -8.20
N LEU A 133 -26.52 3.40 -7.59
CA LEU A 133 -26.74 4.84 -7.46
C LEU A 133 -25.67 5.44 -6.61
N ASP A 134 -25.39 4.77 -5.49
CA ASP A 134 -24.31 5.18 -4.58
C ASP A 134 -22.96 5.30 -5.29
N PHE A 135 -22.55 4.24 -6.01
CA PHE A 135 -21.25 4.21 -6.64
C PHE A 135 -21.09 5.28 -7.72
N LYS A 136 -22.09 5.43 -8.57
CA LYS A 136 -22.01 6.36 -9.70
C LYS A 136 -22.10 7.81 -9.19
N LEU A 137 -22.91 8.04 -8.17
CA LEU A 137 -23.00 9.42 -7.64
C LEU A 137 -21.70 9.82 -6.96
N ARG A 138 -21.12 8.93 -6.16
CA ARG A 138 -19.84 9.23 -5.55
C ARG A 138 -18.77 9.40 -6.62
N LYS A 139 -18.81 8.61 -7.70
CA LYS A 139 -17.82 8.80 -8.76
C LYS A 139 -17.93 10.22 -9.38
N HIS A 140 -19.15 10.67 -9.60
CA HIS A 140 -19.41 12.03 -10.10
C HIS A 140 -18.87 13.06 -9.13
N LEU A 141 -19.11 12.89 -7.84
CA LEU A 141 -18.60 13.87 -6.85
C LEU A 141 -17.06 13.87 -6.72
N ILE A 142 -16.43 12.70 -6.90
CA ILE A 142 -14.99 12.59 -6.91
C ILE A 142 -14.43 13.36 -8.12
N ASP A 143 -15.09 13.20 -9.25
CA ASP A 143 -14.59 13.81 -10.50
C ASP A 143 -14.82 15.31 -10.50
N LYS A 144 -16.00 15.75 -10.04
CA LYS A 144 -16.39 17.15 -10.30
C LYS A 144 -16.41 18.02 -9.05
N HIS A 145 -16.37 17.40 -7.88
CA HIS A 145 -16.59 18.17 -6.62
C HIS A 145 -15.60 17.88 -5.51
N ASP A 146 -14.43 17.38 -5.93
CA ASP A 146 -13.30 17.15 -5.04
C ASP A 146 -13.60 16.21 -3.87
N LEU A 147 -14.60 15.35 -4.01
CA LEU A 147 -14.89 14.41 -2.93
C LEU A 147 -13.67 13.57 -2.59
N TYR A 148 -13.38 13.48 -1.28
CA TYR A 148 -12.28 12.66 -0.73
C TYR A 148 -10.88 13.26 -0.96
N LYS A 149 -10.83 14.50 -1.50
CA LYS A 149 -9.59 15.30 -1.45
C LYS A 149 -9.44 15.97 -0.10
N THR A 150 -10.54 16.02 0.63
CA THR A 150 -10.56 16.56 2.01
C THR A 150 -11.42 15.58 2.82
N GLU A 151 -11.37 15.70 4.16
CA GLU A 151 -12.20 14.84 5.02
C GLU A 151 -13.70 15.10 4.78
N PRO A 152 -14.50 14.04 4.53
CA PRO A 152 -15.93 14.24 4.13
C PRO A 152 -16.87 14.72 5.26
N LYS A 153 -16.44 14.52 6.51
CA LYS A 153 -17.22 14.99 7.66
C LYS A 153 -18.65 14.51 7.52
N ASP A 154 -19.61 15.43 7.59
CA ASP A 154 -21.02 15.06 7.62
C ASP A 154 -21.70 15.15 6.25
N SER A 155 -20.91 15.15 5.20
CA SER A 155 -21.45 15.20 3.82
C SER A 155 -22.32 14.00 3.56
N LYS A 156 -23.40 14.23 2.80
CA LYS A 156 -24.41 13.21 2.53
C LYS A 156 -25.03 13.37 1.14
N ILE A 157 -25.55 12.26 0.61
CA ILE A 157 -26.36 12.21 -0.60
C ILE A 157 -27.76 11.84 -0.10
N ARG A 158 -28.79 12.62 -0.46
CA ARG A 158 -30.17 12.19 -0.19
C ARG A 158 -30.89 11.99 -1.53
N VAL A 159 -31.41 10.78 -1.74
CA VAL A 159 -32.19 10.46 -2.93
C VAL A 159 -33.65 10.47 -2.53
N THR A 160 -34.41 11.44 -3.04
CA THR A 160 -35.83 11.55 -2.69
C THR A 160 -36.71 10.94 -3.80
N MET A 161 -37.75 10.22 -3.39
CA MET A 161 -38.63 9.56 -4.37
C MET A 161 -39.86 10.39 -4.63
N LYS A 162 -40.63 10.04 -5.66
CA LYS A 162 -41.78 10.85 -6.05
C LYS A 162 -42.87 10.81 -4.99
N ASN A 163 -42.89 9.77 -4.16
CA ASN A 163 -43.88 9.71 -3.08
C ASN A 163 -43.39 10.40 -1.82
N GLY A 164 -42.20 10.99 -1.88
CA GLY A 164 -41.63 11.75 -0.75
C GLY A 164 -40.71 10.94 0.16
N ASP A 165 -40.70 9.62 0.00
CA ASP A 165 -39.76 8.77 0.71
C ASP A 165 -38.32 9.06 0.29
N PHE A 166 -37.36 8.75 1.15
CA PHE A 166 -35.97 9.03 0.74
C PHE A 166 -34.96 8.04 1.30
N TYR A 167 -33.76 8.06 0.72
CA TYR A 167 -32.63 7.22 1.11
C TYR A 167 -31.46 8.18 1.33
N THR A 168 -30.66 7.92 2.36
CA THR A 168 -29.48 8.77 2.60
C THR A 168 -28.23 7.92 2.51
N PHE A 169 -27.22 8.43 1.78
CA PHE A 169 -25.87 7.84 1.81
C PHE A 169 -24.91 8.79 2.53
N GLU A 170 -24.46 8.39 3.72
CA GLU A 170 -23.48 9.18 4.47
C GLU A 170 -22.09 9.01 3.77
N LEU A 171 -21.45 10.12 3.38
CA LEU A 171 -20.24 10.01 2.55
C LEU A 171 -18.99 9.64 3.36
N ASN A 172 -19.08 9.67 4.68
CA ASN A 172 -17.95 9.35 5.55
C ASN A 172 -17.76 7.86 5.83
N LYS A 173 -18.56 7.02 5.18
CA LYS A 173 -18.38 5.58 5.24
C LYS A 173 -18.87 4.95 3.94
N LYS A 174 -18.42 3.74 3.67
CA LYS A 174 -18.95 3.02 2.52
C LYS A 174 -20.44 2.78 2.74
N LEU A 175 -21.15 2.56 1.64
CA LEU A 175 -22.53 2.11 1.69
C LEU A 175 -22.54 0.82 2.48
N GLN A 176 -23.49 0.71 3.40
CA GLN A 176 -23.55 -0.51 4.20
C GLN A 176 -23.86 -1.74 3.36
N THR A 177 -23.18 -2.85 3.65
CA THR A 177 -23.30 -4.03 2.79
C THR A 177 -24.73 -4.50 2.73
N HIS A 178 -25.44 -4.44 3.87
CA HIS A 178 -26.82 -4.86 3.86
C HIS A 178 -27.73 -4.08 2.91
N ARG A 179 -27.29 -2.89 2.46
CA ARG A 179 -28.10 -2.05 1.54
C ARG A 179 -27.76 -2.23 0.04
N MET A 180 -26.69 -2.95 -0.26
CA MET A 180 -26.19 -2.97 -1.65
C MET A 180 -27.12 -3.73 -2.61
N GLY A 181 -27.91 -4.63 -2.03
CA GLY A 181 -28.90 -5.44 -2.77
C GLY A 181 -30.30 -4.83 -2.78
N ASP A 182 -30.42 -3.70 -2.10
CA ASP A 182 -31.70 -2.98 -2.05
C ASP A 182 -31.96 -2.33 -3.39
N VAL A 183 -33.19 -2.46 -3.90
CA VAL A 183 -33.52 -1.94 -5.25
C VAL A 183 -34.64 -0.90 -5.27
N ILE A 184 -34.57 0.06 -6.20
CA ILE A 184 -35.66 1.04 -6.32
C ILE A 184 -36.10 1.15 -7.77
N ASP A 185 -37.30 1.69 -7.96
CA ASP A 185 -37.82 1.94 -9.28
C ASP A 185 -37.22 3.28 -9.79
N GLY A 186 -36.39 3.20 -10.83
CA GLY A 186 -35.75 4.40 -11.41
C GLY A 186 -36.72 5.48 -11.84
N ARG A 187 -37.91 5.08 -12.31
CA ARG A 187 -38.95 6.04 -12.73
C ARG A 187 -39.52 6.82 -11.55
N ASN A 188 -39.25 6.35 -10.34
CA ASN A 188 -39.80 6.99 -9.14
C ASN A 188 -38.83 7.88 -8.37
N ILE A 189 -37.65 8.09 -8.96
CA ILE A 189 -36.67 8.96 -8.33
C ILE A 189 -37.05 10.40 -8.68
N GLU A 190 -37.20 11.23 -7.66
CA GLU A 190 -37.64 12.66 -7.83
C GLU A 190 -36.48 13.68 -7.88
N LYS A 191 -35.53 13.53 -6.97
N LYS A 191 -35.52 13.54 -6.97
CA LYS A 191 -34.44 14.51 -6.83
CA LYS A 191 -34.43 14.51 -6.86
C LYS A 191 -33.27 13.86 -6.09
C LYS A 191 -33.29 13.94 -6.03
N ILE A 192 -32.07 14.35 -6.36
CA ILE A 192 -30.89 13.93 -5.61
C ILE A 192 -30.22 15.21 -5.10
N GLU A 193 -29.98 15.26 -3.79
CA GLU A 193 -29.39 16.43 -3.14
C GLU A 193 -28.17 15.99 -2.38
N VAL A 194 -27.08 16.71 -2.60
CA VAL A 194 -25.84 16.42 -1.98
C VAL A 194 -25.36 17.67 -1.23
N ASN A 195 -25.00 17.49 0.05
CA ASN A 195 -24.38 18.54 0.84
CA ASN A 195 -24.37 18.55 0.85
C ASN A 195 -22.92 18.21 1.05
N LEU A 196 -22.04 19.14 0.67
CA LEU A 196 -20.59 19.01 0.81
C LEU A 196 -19.98 20.18 1.54
N ARG B 6 20.22 -17.68 -9.92
CA ARG B 6 18.80 -17.82 -9.47
C ARG B 6 17.92 -16.79 -10.16
N SER B 7 16.69 -17.19 -10.48
CA SER B 7 15.71 -16.30 -11.11
C SER B 7 15.44 -15.08 -10.24
N GLN B 8 15.03 -13.98 -10.86
CA GLN B 8 14.70 -12.76 -10.11
C GLN B 8 13.58 -13.00 -9.11
N ALA B 9 12.61 -13.83 -9.47
CA ALA B 9 11.47 -14.13 -8.59
C ALA B 9 11.93 -14.86 -7.32
N THR B 10 12.84 -15.80 -7.50
CA THR B 10 13.40 -16.56 -6.38
C THR B 10 14.28 -15.67 -5.51
N GLN B 11 15.14 -14.86 -6.14
CA GLN B 11 15.97 -13.90 -5.43
C GLN B 11 15.09 -12.98 -4.55
N ASP B 12 13.94 -12.58 -5.09
CA ASP B 12 13.02 -11.70 -4.35
C ASP B 12 12.41 -12.39 -3.14
N LEU B 13 12.04 -13.67 -3.30
CA LEU B 13 11.50 -14.45 -2.19
C LEU B 13 12.53 -14.61 -1.06
N SER B 14 13.78 -14.90 -1.44
CA SER B 14 14.92 -14.93 -0.50
C SER B 14 15.09 -13.58 0.25
N GLU B 15 15.09 -12.49 -0.50
CA GLU B 15 15.27 -11.17 0.14
C GLU B 15 14.16 -10.92 1.16
N TYR B 16 12.92 -11.22 0.77
CA TYR B 16 11.78 -11.01 1.63
C TYR B 16 11.82 -11.82 2.94
N TYR B 17 12.07 -13.11 2.81
CA TYR B 17 12.01 -14.00 3.96
C TYR B 17 13.28 -13.98 4.77
N ASN B 18 14.28 -13.23 4.28
CA ASN B 18 15.45 -12.91 5.09
C ASN B 18 15.34 -11.58 5.87
N ARG B 19 14.27 -10.83 5.67
CA ARG B 19 14.07 -9.60 6.42
C ARG B 19 13.92 -9.86 7.94
N PRO B 20 14.35 -8.89 8.77
CA PRO B 20 14.02 -9.02 10.18
C PRO B 20 12.51 -8.98 10.42
N TYR B 21 12.08 -9.63 11.51
CA TYR B 21 10.73 -9.49 12.00
C TYR B 21 10.85 -8.86 13.38
N PHE B 22 9.73 -8.31 13.86
CA PHE B 22 9.66 -7.67 15.15
C PHE B 22 8.39 -8.20 15.80
N ASP B 23 8.61 -9.03 16.80
CA ASP B 23 7.52 -9.71 17.47
C ASP B 23 7.17 -8.84 18.68
N LEU B 24 6.16 -7.99 18.50
CA LEU B 24 5.77 -6.99 19.52
C LEU B 24 4.66 -7.59 20.37
N ARG B 25 4.89 -7.59 21.68
CA ARG B 25 3.98 -8.17 22.69
C ARG B 25 3.20 -7.18 23.54
N ASN B 26 1.88 -7.41 23.54
CA ASN B 26 0.95 -6.86 24.54
C ASN B 26 0.85 -5.35 24.46
N LEU B 27 0.43 -4.87 23.32
CA LEU B 27 0.27 -3.42 23.17
C LEU B 27 -1.05 -3.08 22.47
N SER B 28 -1.41 -1.79 22.51
CA SER B 28 -2.67 -1.32 21.95
C SER B 28 -2.42 -0.80 20.55
N GLY B 29 -3.42 -1.01 19.71
CA GLY B 29 -3.40 -0.52 18.34
C GLY B 29 -4.69 0.22 18.10
N TYR B 30 -4.62 1.31 17.35
CA TYR B 30 -5.80 2.10 17.06
C TYR B 30 -6.17 1.98 15.58
N ARG B 31 -7.36 1.45 15.30
CA ARG B 31 -7.84 1.26 13.95
C ARG B 31 -8.64 2.44 13.44
N GLU B 32 -8.23 2.94 12.29
CA GLU B 32 -8.88 4.06 11.62
C GLU B 32 -8.82 3.64 10.15
N GLY B 33 -9.99 3.53 9.53
CA GLY B 33 -10.11 2.86 8.21
C GLY B 33 -9.59 1.43 8.31
N ASN B 34 -8.87 0.98 7.29
CA ASN B 34 -8.27 -0.35 7.29
C ASN B 34 -6.82 -0.41 7.74
N THR B 35 -6.41 0.58 8.53
CA THR B 35 -5.05 0.61 9.11
C THR B 35 -5.10 0.67 10.63
N VAL B 36 -4.27 -0.14 11.27
CA VAL B 36 -4.16 -0.14 12.73
C VAL B 36 -2.79 0.46 13.11
N THR B 37 -2.77 1.50 13.92
CA THR B 37 -1.51 2.13 14.32
C THR B 37 -1.11 1.72 15.75
N PHE B 38 0.16 1.33 15.91
CA PHE B 38 0.78 1.05 17.22
C PHE B 38 1.86 2.09 17.44
N ILE B 39 1.83 2.79 18.58
CA ILE B 39 2.77 3.88 18.85
C ILE B 39 3.44 3.72 20.20
N ASN B 40 4.75 3.96 20.21
CA ASN B 40 5.48 4.29 21.43
C ASN B 40 6.47 5.39 21.17
N HIS B 41 7.20 5.78 22.22
CA HIS B 41 8.16 6.86 22.16
C HIS B 41 9.23 6.60 21.09
N TYR B 42 9.51 5.33 20.82
CA TYR B 42 10.61 4.98 19.95
C TYR B 42 10.16 4.61 18.54
N GLN B 43 8.95 4.09 18.40
CA GLN B 43 8.54 3.47 17.14
C GLN B 43 7.05 3.58 16.84
N GLN B 44 6.70 4.03 15.63
CA GLN B 44 5.33 3.85 15.10
C GLN B 44 5.28 2.69 14.10
N THR B 45 4.29 1.82 14.28
CA THR B 45 4.05 0.70 13.35
C THR B 45 2.62 0.82 12.79
N ASP B 46 2.50 0.85 11.45
CA ASP B 46 1.20 0.90 10.78
C ASP B 46 0.94 -0.44 10.09
N VAL B 47 -0.15 -1.09 10.49
CA VAL B 47 -0.53 -2.41 9.98
C VAL B 47 -1.79 -2.35 9.12
N LYS B 48 -1.67 -2.84 7.89
CA LYS B 48 -2.80 -2.86 6.96
C LYS B 48 -3.59 -4.14 7.17
N LEU B 49 -4.91 -3.98 7.23
CA LEU B 49 -5.84 -5.10 7.32
C LEU B 49 -6.38 -5.38 5.92
N GLU B 50 -6.05 -6.57 5.40
CA GLU B 50 -6.23 -6.89 3.99
C GLU B 50 -7.07 -8.15 3.76
N GLY B 51 -7.56 -8.75 4.85
CA GLY B 51 -8.36 -9.97 4.75
C GLY B 51 -9.37 -10.08 5.87
N LYS B 52 -9.51 -11.28 6.40
CA LYS B 52 -10.45 -11.60 7.49
C LYS B 52 -10.21 -10.72 8.72
N ASP B 53 -8.98 -10.24 8.89
CA ASP B 53 -8.65 -9.44 10.08
C ASP B 53 -9.51 -8.16 10.18
N LYS B 54 -10.03 -7.70 9.05
CA LYS B 54 -10.95 -6.58 9.05
C LYS B 54 -12.15 -6.84 9.94
N ASP B 55 -12.57 -8.11 9.98
CA ASP B 55 -13.76 -8.46 10.77
C ASP B 55 -13.46 -8.59 12.25
N LYS B 56 -12.22 -8.91 12.59
CA LYS B 56 -11.86 -9.17 14.00
C LYS B 56 -11.33 -7.94 14.76
N ILE B 57 -10.65 -7.02 14.07
CA ILE B 57 -10.10 -5.82 14.71
C ILE B 57 -11.17 -4.73 14.73
N LYS B 58 -11.44 -4.19 15.92
CA LYS B 58 -12.53 -3.24 16.12
C LYS B 58 -12.11 -1.83 15.75
N ASP B 59 -13.07 -1.03 15.32
CA ASP B 59 -12.84 0.38 15.10
C ASP B 59 -12.36 1.04 16.38
N GLY B 60 -11.39 1.94 16.27
CA GLY B 60 -10.88 2.63 17.46
C GLY B 60 -9.84 1.83 18.20
N ASN B 61 -9.81 1.96 19.53
CA ASN B 61 -8.70 1.36 20.31
C ASN B 61 -8.87 -0.13 20.43
N ASN B 62 -7.76 -0.87 20.32
CA ASN B 62 -7.79 -2.31 20.54
C ASN B 62 -6.67 -2.63 21.50
N GLU B 63 -7.01 -3.20 22.67
CA GLU B 63 -5.98 -3.49 23.69
C GLU B 63 -5.43 -4.91 23.64
N ASN B 64 -4.24 -5.08 24.25
CA ASN B 64 -3.64 -6.38 24.53
C ASN B 64 -3.50 -7.23 23.28
N LEU B 65 -2.88 -6.64 22.26
CA LEU B 65 -2.54 -7.36 21.06
C LEU B 65 -1.06 -7.68 21.01
N ASP B 66 -0.75 -8.72 20.24
CA ASP B 66 0.62 -8.91 19.70
C ASP B 66 0.56 -8.55 18.21
N VAL B 67 1.71 -8.16 17.67
CA VAL B 67 1.82 -7.90 16.24
C VAL B 67 3.15 -8.45 15.70
N PHE B 68 3.06 -9.33 14.69
CA PHE B 68 4.25 -9.88 14.05
C PHE B 68 4.54 -8.97 12.88
N VAL B 69 5.54 -8.11 13.07
CA VAL B 69 5.85 -7.07 12.09
C VAL B 69 6.94 -7.49 11.12
N VAL B 70 6.64 -7.38 9.82
CA VAL B 70 7.69 -7.42 8.78
C VAL B 70 7.50 -6.15 7.96
N ARG B 71 8.57 -5.37 7.86
CA ARG B 71 8.50 -4.13 7.09
C ARG B 71 8.33 -4.38 5.58
N GLU B 72 7.33 -3.71 4.98
CA GLU B 72 7.05 -3.78 3.53
C GLU B 72 7.65 -2.59 2.79
N GLY B 73 7.75 -2.68 1.47
CA GLY B 73 8.42 -1.65 0.68
C GLY B 73 9.91 -1.58 0.99
N SER B 74 10.49 -0.41 0.84
CA SER B 74 11.92 -0.22 1.13
C SER B 74 12.15 0.67 2.35
N GLY B 75 13.27 0.44 3.03
CA GLY B 75 13.83 1.42 3.97
C GLY B 75 14.37 2.62 3.19
N ARG B 76 14.46 3.79 3.83
CA ARG B 76 14.39 3.90 5.29
C ARG B 76 13.17 4.68 5.81
N GLN B 77 11.98 4.17 5.51
CA GLN B 77 10.74 4.68 6.10
C GLN B 77 10.83 4.56 7.63
N ALA B 78 10.51 5.65 8.33
CA ALA B 78 10.53 5.67 9.79
C ALA B 78 9.50 4.71 10.37
N ASP B 79 8.25 4.87 9.97
CA ASP B 79 7.19 3.99 10.41
C ASP B 79 7.45 2.55 9.92
N ASN B 80 7.15 1.57 10.76
CA ASN B 80 7.02 0.21 10.26
C ASN B 80 5.71 0.14 9.51
N ASN B 81 5.75 -0.23 8.24
CA ASN B 81 4.51 -0.52 7.51
C ASN B 81 4.49 -2.00 7.26
N SER B 82 3.50 -2.67 7.84
CA SER B 82 3.41 -4.12 7.79
C SER B 82 2.00 -4.53 7.36
N ILE B 83 1.79 -5.81 7.05
CA ILE B 83 0.49 -6.30 6.62
C ILE B 83 0.09 -7.46 7.51
N GLY B 84 -1.06 -7.34 8.15
CA GLY B 84 -1.62 -8.44 8.93
C GLY B 84 -0.82 -8.75 10.16
N GLY B 85 -0.85 -10.01 10.60
CA GLY B 85 -0.03 -10.45 11.72
C GLY B 85 -0.46 -10.01 13.10
N ILE B 86 -1.68 -9.48 13.21
CA ILE B 86 -2.18 -9.12 14.55
C ILE B 86 -2.86 -10.30 15.21
N THR B 87 -2.49 -10.55 16.47
CA THR B 87 -3.17 -11.58 17.28
C THR B 87 -3.49 -11.07 18.68
N LYS B 88 -4.34 -11.83 19.38
CA LYS B 88 -4.52 -11.58 20.80
C LYS B 88 -3.29 -12.06 21.52
N THR B 89 -2.85 -11.28 22.50
CA THR B 89 -1.67 -11.61 23.29
C THR B 89 -2.00 -12.77 24.21
N ASN B 90 -0.99 -13.53 24.64
CA ASN B 90 -1.21 -14.60 25.60
C ASN B 90 -1.93 -14.10 26.85
N ARG B 91 -2.77 -14.93 27.45
CA ARG B 91 -3.55 -14.46 28.60
C ARG B 91 -2.72 -14.30 29.89
N THR B 92 -1.53 -14.90 29.90
CA THR B 92 -0.48 -14.48 30.84
C THR B 92 0.74 -14.10 30.03
N GLN B 93 1.54 -13.17 30.54
CA GLN B 93 2.80 -12.82 29.86
C GLN B 93 3.98 -13.70 30.31
N HIS B 94 3.66 -14.87 30.88
CA HIS B 94 4.68 -15.84 31.29
C HIS B 94 5.27 -16.66 30.14
N ILE B 95 6.59 -16.85 30.23
CA ILE B 95 7.45 -17.45 29.21
C ILE B 95 7.12 -18.93 28.90
N THR B 97 6.37 -22.52 26.35
CA THR B 97 5.94 -23.26 25.16
C THR B 97 4.48 -23.67 25.25
N VAL B 98 3.69 -23.26 24.27
CA VAL B 98 2.26 -23.51 24.21
C VAL B 98 2.01 -24.90 23.61
N GLN B 99 2.84 -25.27 22.65
CA GLN B 99 2.74 -26.56 21.99
C GLN B 99 4.07 -26.94 21.35
N ASN B 100 4.40 -28.23 21.39
CA ASN B 100 5.51 -28.75 20.60
C ASN B 100 4.93 -29.50 19.41
N VAL B 101 5.53 -29.33 18.22
CA VAL B 101 5.00 -29.87 16.97
C VAL B 101 6.14 -30.54 16.21
N ASN B 102 5.90 -31.73 15.64
CA ASN B 102 6.91 -32.34 14.80
C ASN B 102 7.01 -31.51 13.52
N LEU B 103 8.25 -31.19 13.14
CA LEU B 103 8.57 -30.60 11.84
C LEU B 103 9.33 -31.64 10.99
N LEU B 104 8.69 -32.10 9.91
CA LEU B 104 9.30 -33.07 9.01
C LEU B 104 9.65 -32.37 7.69
N VAL B 105 10.93 -32.35 7.33
CA VAL B 105 11.34 -31.74 6.04
C VAL B 105 11.84 -32.88 5.17
N SER B 106 11.17 -33.08 4.03
CA SER B 106 11.53 -34.13 3.08
C SER B 106 12.00 -33.52 1.76
N LYS B 107 13.29 -33.67 1.49
CA LYS B 107 13.91 -33.12 0.29
C LYS B 107 14.11 -34.22 -0.74
N SER B 108 13.42 -34.09 -1.88
N SER B 108 13.40 -34.10 -1.87
CA SER B 108 13.53 -35.09 -2.91
CA SER B 108 13.54 -35.05 -2.96
C SER B 108 14.79 -34.92 -3.75
C SER B 108 14.88 -34.86 -3.63
N THR B 109 15.62 -35.96 -3.75
CA THR B 109 16.92 -35.93 -4.48
C THR B 109 16.88 -36.76 -5.75
N GLY B 110 15.70 -37.30 -6.08
CA GLY B 110 15.51 -38.07 -7.31
C GLY B 110 14.14 -38.75 -7.26
N GLN B 111 13.86 -39.60 -8.23
CA GLN B 111 12.58 -40.34 -8.29
C GLN B 111 12.49 -41.35 -7.14
N HIS B 112 13.65 -41.69 -6.57
CA HIS B 112 13.70 -42.83 -5.61
C HIS B 112 14.37 -42.47 -4.27
N THR B 113 14.80 -41.22 -4.10
CA THR B 113 15.61 -40.86 -2.93
C THR B 113 15.12 -39.58 -2.27
N THR B 114 15.15 -39.57 -0.95
CA THR B 114 14.67 -38.45 -0.14
C THR B 114 15.60 -38.30 1.05
N SER B 115 15.98 -37.05 1.35
CA SER B 115 16.70 -36.73 2.56
C SER B 115 15.72 -36.12 3.54
N VAL B 116 15.59 -36.77 4.67
CA VAL B 116 14.53 -36.41 5.60
C VAL B 116 15.17 -35.83 6.86
N THR B 117 14.57 -34.77 7.39
CA THR B 117 14.99 -34.20 8.69
C THR B 117 13.76 -34.13 9.59
N SER B 118 13.87 -34.58 10.84
CA SER B 118 12.72 -34.65 11.73
C SER B 118 13.15 -34.00 13.03
N THR B 119 12.54 -32.86 13.35
CA THR B 119 12.88 -32.10 14.57
C THR B 119 11.65 -31.62 15.30
N ASN B 120 11.84 -31.10 16.52
CA ASN B 120 10.77 -30.43 17.24
C ASN B 120 10.67 -28.94 16.89
N TYR B 121 9.45 -28.48 16.67
CA TYR B 121 9.18 -27.07 16.42
C TYR B 121 8.35 -26.47 17.56
N SER B 122 8.93 -25.50 18.26
CA SER B 122 8.29 -24.89 19.42
C SER B 122 7.31 -23.75 19.06
N ILE B 123 6.09 -23.81 19.62
CA ILE B 123 5.06 -22.76 19.52
C ILE B 123 4.89 -22.09 20.89
N TYR B 124 4.93 -20.75 20.93
CA TYR B 124 4.89 -19.98 22.18
C TYR B 124 3.67 -19.07 22.33
N LYS B 125 2.87 -18.99 21.28
CA LYS B 125 1.69 -18.16 21.25
C LYS B 125 0.38 -18.96 21.16
N GLU B 126 -0.53 -18.63 22.05
CA GLU B 126 -1.87 -19.21 22.07
C GLU B 126 -2.63 -18.94 20.81
N GLU B 127 -2.53 -17.71 20.34
CA GLU B 127 -3.07 -17.35 19.05
C GLU B 127 -1.92 -16.89 18.15
N ILE B 128 -1.79 -17.54 16.99
CA ILE B 128 -0.64 -17.26 16.11
C ILE B 128 -1.15 -16.96 14.70
N SER B 129 -0.61 -15.91 14.09
CA SER B 129 -0.99 -15.60 12.72
C SER B 129 -0.31 -16.55 11.75
N LEU B 130 -0.99 -16.81 10.63
CA LEU B 130 -0.37 -17.54 9.52
C LEU B 130 0.86 -16.76 9.07
N LYS B 131 0.82 -15.44 9.14
CA LYS B 131 1.99 -14.60 8.79
C LYS B 131 3.24 -15.08 9.56
N GLU B 132 3.09 -15.23 10.88
CA GLU B 132 4.21 -15.61 11.76
C GLU B 132 4.72 -17.05 11.54
N LEU B 133 3.77 -17.98 11.36
CA LEU B 133 4.11 -19.37 11.13
C LEU B 133 4.83 -19.47 9.80
N ASP B 134 4.26 -18.88 8.77
CA ASP B 134 4.86 -18.85 7.41
C ASP B 134 6.26 -18.25 7.41
N PHE B 135 6.39 -17.06 8.00
CA PHE B 135 7.66 -16.33 7.94
C PHE B 135 8.79 -17.06 8.68
N LYS B 136 8.51 -17.52 9.89
CA LYS B 136 9.56 -18.13 10.72
C LYS B 136 9.96 -19.51 10.18
N LEU B 137 9.00 -20.20 9.57
CA LEU B 137 9.25 -21.54 8.99
C LEU B 137 10.10 -21.37 7.76
N ARG B 138 9.77 -20.40 6.92
CA ARG B 138 10.61 -20.19 5.73
C ARG B 138 12.03 -19.75 6.12
N LYS B 139 12.16 -18.85 7.10
CA LYS B 139 13.49 -18.48 7.56
C LYS B 139 14.30 -19.70 8.04
N HIS B 140 13.63 -20.60 8.74
CA HIS B 140 14.27 -21.86 9.19
C HIS B 140 14.70 -22.68 7.99
N LEU B 141 13.86 -22.69 6.95
CA LEU B 141 14.23 -23.48 5.77
C LEU B 141 15.32 -22.81 4.92
N ILE B 142 15.35 -21.49 4.94
CA ILE B 142 16.45 -20.80 4.31
C ILE B 142 17.77 -21.09 5.05
N ASP B 143 17.74 -21.07 6.37
CA ASP B 143 18.95 -21.22 7.18
C ASP B 143 19.45 -22.66 7.19
N LYS B 144 18.52 -23.62 7.22
CA LYS B 144 18.89 -25.03 7.45
C LYS B 144 18.70 -25.99 6.24
N HIS B 145 17.97 -25.54 5.22
CA HIS B 145 17.64 -26.39 4.08
C HIS B 145 17.83 -25.77 2.70
N ASP B 146 18.61 -24.68 2.60
CA ASP B 146 18.95 -24.08 1.29
C ASP B 146 17.71 -23.65 0.48
N LEU B 147 16.63 -23.36 1.19
CA LEU B 147 15.45 -22.82 0.52
C LEU B 147 15.88 -21.55 -0.25
N TYR B 148 15.40 -21.43 -1.49
CA TYR B 148 15.76 -20.33 -2.40
C TYR B 148 17.24 -20.20 -2.88
N LYS B 149 18.07 -21.19 -2.56
CA LYS B 149 19.37 -21.38 -3.26
C LYS B 149 19.20 -22.09 -4.62
N THR B 150 18.02 -22.68 -4.81
CA THR B 150 17.57 -23.29 -6.05
C THR B 150 16.13 -22.84 -6.27
N GLU B 151 15.60 -23.11 -7.47
CA GLU B 151 14.20 -22.79 -7.77
C GLU B 151 13.26 -23.65 -6.93
N PRO B 152 12.33 -23.01 -6.21
CA PRO B 152 11.47 -23.74 -5.29
C PRO B 152 10.46 -24.72 -5.94
N LYS B 153 10.16 -24.52 -7.22
CA LYS B 153 9.19 -25.36 -7.91
C LYS B 153 7.91 -25.59 -7.08
N ASP B 154 7.51 -26.84 -6.90
CA ASP B 154 6.25 -27.13 -6.22
C ASP B 154 6.41 -27.33 -4.69
N SER B 155 7.53 -26.90 -4.15
N SER B 155 7.54 -26.90 -4.15
CA SER B 155 7.80 -27.04 -2.72
CA SER B 155 7.80 -27.04 -2.72
C SER B 155 6.76 -26.31 -1.88
C SER B 155 6.70 -26.34 -1.92
N LYS B 156 6.36 -26.94 -0.78
CA LYS B 156 5.28 -26.44 0.07
C LYS B 156 5.44 -26.87 1.52
N ILE B 157 4.78 -26.09 2.37
CA ILE B 157 4.61 -26.39 3.79
C ILE B 157 3.15 -26.70 4.03
N ARG B 158 2.86 -27.82 4.70
CA ARG B 158 1.49 -28.18 5.08
C ARG B 158 1.43 -28.28 6.61
N VAL B 159 0.58 -27.46 7.20
CA VAL B 159 0.36 -27.40 8.63
C VAL B 159 -0.98 -28.07 8.87
N THR B 160 -0.98 -29.06 9.75
CA THR B 160 -2.22 -29.77 10.06
C THR B 160 -2.58 -29.53 11.51
N MET B 161 -3.86 -29.27 11.77
CA MET B 161 -4.40 -29.05 13.12
C MET B 161 -4.86 -30.36 13.72
N LYS B 162 -5.00 -30.40 15.05
CA LYS B 162 -5.51 -31.61 15.73
C LYS B 162 -6.80 -32.18 15.13
N ASN B 163 -7.74 -31.29 14.78
CA ASN B 163 -9.04 -31.72 14.22
C ASN B 163 -8.98 -32.09 12.72
N GLY B 164 -7.80 -32.02 12.13
CA GLY B 164 -7.59 -32.49 10.75
C GLY B 164 -7.61 -31.33 9.78
N ASP B 165 -7.95 -30.15 10.27
CA ASP B 165 -7.90 -28.95 9.44
C ASP B 165 -6.47 -28.74 9.00
N PHE B 166 -6.30 -28.11 7.84
CA PHE B 166 -4.94 -27.89 7.33
C PHE B 166 -4.79 -26.59 6.57
N TYR B 167 -3.54 -26.20 6.38
CA TYR B 167 -3.11 -24.98 5.67
C TYR B 167 -1.89 -25.31 4.85
N THR B 168 -1.86 -24.82 3.61
CA THR B 168 -0.68 -24.99 2.79
C THR B 168 -0.07 -23.64 2.51
N PHE B 169 1.25 -23.55 2.68
CA PHE B 169 2.03 -22.40 2.23
C PHE B 169 2.85 -22.83 1.03
N GLU B 170 2.49 -22.36 -0.16
CA GLU B 170 3.26 -22.68 -1.36
C GLU B 170 4.52 -21.84 -1.41
N LEU B 171 5.66 -22.49 -1.49
CA LEU B 171 6.91 -21.76 -1.37
C LEU B 171 7.39 -21.00 -2.60
N ASN B 172 6.69 -21.14 -3.73
CA ASN B 172 7.14 -20.45 -4.92
C ASN B 172 6.50 -19.07 -5.05
N LYS B 173 5.78 -18.65 -4.00
CA LYS B 173 5.20 -17.30 -3.96
C LYS B 173 5.11 -16.86 -2.52
N LYS B 174 5.05 -15.54 -2.32
CA LYS B 174 4.83 -14.99 -0.98
C LYS B 174 3.51 -15.49 -0.41
N LEU B 175 3.41 -15.55 0.92
CA LEU B 175 2.11 -15.76 1.51
C LEU B 175 1.16 -14.68 0.99
N GLN B 176 0.01 -15.10 0.50
CA GLN B 176 -1.00 -14.16 0.02
C GLN B 176 -1.34 -13.13 1.11
N THR B 177 -1.40 -11.86 0.70
CA THR B 177 -1.64 -10.81 1.69
C THR B 177 -2.97 -11.00 2.42
N HIS B 178 -4.00 -11.51 1.74
CA HIS B 178 -5.31 -11.71 2.41
C HIS B 178 -5.24 -12.73 3.56
N ARG B 179 -4.18 -13.54 3.57
CA ARG B 179 -4.00 -14.57 4.59
C ARG B 179 -3.14 -14.12 5.79
N MET B 180 -2.50 -12.94 5.65
CA MET B 180 -1.48 -12.52 6.62
C MET B 180 -2.10 -12.23 7.99
N GLY B 181 -3.36 -11.80 7.97
CA GLY B 181 -4.07 -11.58 9.23
C GLY B 181 -4.93 -12.74 9.68
N ASP B 182 -4.89 -13.87 8.97
CA ASP B 182 -5.60 -15.07 9.46
C ASP B 182 -4.89 -15.59 10.68
N VAL B 183 -5.67 -16.05 11.65
CA VAL B 183 -5.08 -16.51 12.90
C VAL B 183 -5.59 -17.88 13.25
N ILE B 184 -4.75 -18.62 13.98
CA ILE B 184 -5.08 -19.98 14.41
C ILE B 184 -4.73 -20.20 15.87
N ASP B 185 -5.30 -21.25 16.47
CA ASP B 185 -5.02 -21.59 17.87
C ASP B 185 -3.77 -22.44 17.92
N GLY B 186 -2.69 -21.86 18.45
CA GLY B 186 -1.35 -22.50 18.43
C GLY B 186 -1.31 -23.79 19.22
N ARG B 187 -2.21 -23.90 20.19
CA ARG B 187 -2.34 -25.14 20.98
C ARG B 187 -2.86 -26.33 20.17
N ASN B 188 -3.52 -26.03 19.05
CA ASN B 188 -4.16 -27.05 18.23
C ASN B 188 -3.39 -27.41 16.97
N ILE B 189 -2.18 -26.87 16.80
CA ILE B 189 -1.32 -27.31 15.69
C ILE B 189 -0.79 -28.71 16.00
N GLU B 190 -0.92 -29.63 15.04
CA GLU B 190 -0.53 -31.03 15.27
C GLU B 190 0.83 -31.41 14.70
N LYS B 191 1.11 -30.99 13.46
CA LYS B 191 2.33 -31.39 12.77
C LYS B 191 2.58 -30.45 11.61
N ILE B 192 3.83 -30.39 11.15
CA ILE B 192 4.19 -29.59 9.99
C ILE B 192 5.05 -30.44 9.07
N GLU B 193 4.64 -30.49 7.81
CA GLU B 193 5.41 -31.27 6.84
C GLU B 193 5.84 -30.39 5.68
N VAL B 194 7.13 -30.44 5.36
CA VAL B 194 7.65 -29.63 4.28
C VAL B 194 8.16 -30.56 3.18
N ASN B 195 7.72 -30.34 1.94
CA ASN B 195 8.28 -31.07 0.81
C ASN B 195 9.17 -30.06 0.04
N LEU B 196 10.44 -30.40 -0.14
CA LEU B 196 11.43 -29.63 -0.96
C LEU B 196 11.97 -30.47 -2.12
N VAL C 5 -26.04 6.84 -37.69
CA VAL C 5 -25.79 7.86 -38.78
C VAL C 5 -24.42 8.57 -38.71
N ARG C 6 -23.62 8.24 -37.69
CA ARG C 6 -22.21 8.68 -37.61
C ARG C 6 -21.26 7.61 -38.13
N SER C 7 -20.15 8.03 -38.73
CA SER C 7 -19.11 7.09 -39.17
C SER C 7 -18.58 6.26 -38.01
N GLN C 8 -18.12 5.05 -38.32
CA GLN C 8 -17.53 4.16 -37.33
C GLN C 8 -16.39 4.87 -36.59
N ALA C 9 -15.57 5.59 -37.37
CA ALA C 9 -14.50 6.43 -36.85
C ALA C 9 -14.97 7.38 -35.74
N THR C 10 -16.08 8.09 -35.99
CA THR C 10 -16.61 9.05 -35.03
C THR C 10 -17.25 8.35 -33.83
N GLN C 11 -17.93 7.23 -34.08
CA GLN C 11 -18.45 6.41 -32.99
C GLN C 11 -17.34 5.96 -32.07
N ASP C 12 -16.20 5.55 -32.64
CA ASP C 12 -15.05 5.11 -31.80
C ASP C 12 -14.44 6.24 -30.95
N LEU C 13 -14.32 7.43 -31.53
CA LEU C 13 -13.82 8.61 -30.80
C LEU C 13 -14.78 8.94 -29.67
N SER C 14 -16.08 8.86 -29.96
CA SER C 14 -17.08 9.16 -28.93
C SER C 14 -16.98 8.16 -27.80
N GLU C 15 -16.91 6.88 -28.17
CA GLU C 15 -16.81 5.83 -27.13
C GLU C 15 -15.54 6.06 -26.30
N TYR C 16 -14.39 6.31 -26.93
CA TYR C 16 -13.14 6.49 -26.16
C TYR C 16 -13.24 7.67 -25.20
N TYR C 17 -13.63 8.82 -25.70
CA TYR C 17 -13.60 10.03 -24.87
C TYR C 17 -14.81 10.14 -23.93
N ASN C 18 -15.76 9.23 -24.06
CA ASN C 18 -16.79 9.05 -23.00
C ASN C 18 -16.41 8.04 -21.91
N ARG C 19 -15.24 7.40 -22.00
CA ARG C 19 -14.83 6.44 -20.97
C ARG C 19 -14.59 7.21 -19.67
N PRO C 20 -14.76 6.54 -18.51
CA PRO C 20 -14.39 7.23 -17.26
C PRO C 20 -12.87 7.43 -17.18
N TYR C 21 -12.42 8.44 -16.43
CA TYR C 21 -10.99 8.54 -16.11
C TYR C 21 -10.87 8.45 -14.61
N PHE C 22 -9.64 8.23 -14.15
CA PHE C 22 -9.39 8.07 -12.72
C PHE C 22 -8.15 8.90 -12.46
N ASP C 23 -8.40 10.03 -11.82
CA ASP C 23 -7.33 10.95 -11.50
C ASP C 23 -6.82 10.54 -10.13
N LEU C 24 -5.66 9.83 -10.10
CA LEU C 24 -5.11 9.30 -8.84
C LEU C 24 -4.00 10.22 -8.36
N ARG C 25 -4.09 10.61 -7.08
CA ARG C 25 -3.22 11.64 -6.52
C ARG C 25 -2.26 11.12 -5.47
N ASN C 26 -1.01 11.60 -5.59
CA ASN C 26 0.03 11.41 -4.57
C ASN C 26 0.30 9.95 -4.20
N LEU C 27 0.74 9.18 -5.18
CA LEU C 27 1.00 7.77 -4.93
C LEU C 27 2.35 7.29 -5.51
N SER C 28 2.83 6.13 -5.07
CA SER C 28 4.09 5.58 -5.60
C SER C 28 3.86 4.66 -6.78
N GLY C 29 4.73 4.78 -7.78
CA GLY C 29 4.70 3.89 -8.94
C GLY C 29 6.05 3.20 -9.08
N TYR C 30 6.01 1.89 -9.34
CA TYR C 30 7.24 1.12 -9.49
C TYR C 30 7.44 0.81 -10.97
N ARG C 31 8.53 1.33 -11.52
CA ARG C 31 8.84 1.08 -12.93
C ARG C 31 9.70 -0.17 -13.07
N GLU C 32 9.22 -1.10 -13.88
CA GLU C 32 9.99 -2.26 -14.31
C GLU C 32 9.83 -2.28 -15.83
N GLY C 33 10.95 -2.25 -16.55
CA GLY C 33 10.89 -2.12 -18.01
C GLY C 33 10.26 -0.81 -18.43
N ASN C 34 9.24 -0.88 -19.30
CA ASN C 34 8.53 0.30 -19.79
C ASN C 34 7.10 0.42 -19.24
N THR C 35 6.89 -0.19 -18.09
CA THR C 35 5.61 -0.18 -17.38
C THR C 35 5.81 0.31 -15.95
N VAL C 36 4.93 1.23 -15.52
CA VAL C 36 4.89 1.68 -14.13
C VAL C 36 3.63 1.11 -13.50
N THR C 37 3.78 0.45 -12.38
CA THR C 37 2.70 -0.21 -11.68
C THR C 37 2.36 0.55 -10.40
N PHE C 38 1.07 0.81 -10.22
CA PHE C 38 0.55 1.44 -9.02
C PHE C 38 -0.41 0.45 -8.39
N ILE C 39 -0.29 0.24 -7.09
CA ILE C 39 -1.05 -0.81 -6.42
C ILE C 39 -1.69 -0.30 -5.14
N ASN C 40 -3.00 -0.55 -5.01
CA ASN C 40 -3.65 -0.43 -3.70
C ASN C 40 -4.45 -1.69 -3.39
N HIS C 41 -4.98 -1.80 -2.18
CA HIS C 41 -5.75 -2.99 -1.83
C HIS C 41 -6.89 -3.27 -2.82
N TYR C 42 -7.48 -2.21 -3.37
CA TYR C 42 -8.69 -2.36 -4.19
C TYR C 42 -8.40 -2.49 -5.68
N GLN C 43 -7.24 -2.02 -6.13
CA GLN C 43 -7.02 -1.76 -7.57
C GLN C 43 -5.55 -1.72 -7.96
N GLN C 44 -5.17 -2.47 -9.00
CA GLN C 44 -3.84 -2.31 -9.62
C GLN C 44 -3.94 -1.53 -10.94
N THR C 45 -2.99 -0.63 -11.17
CA THR C 45 -2.95 0.17 -12.38
C THR C 45 -1.56 0.02 -13.03
N ASP C 46 -1.53 -0.37 -14.31
CA ASP C 46 -0.31 -0.64 -15.05
C ASP C 46 -0.24 0.41 -16.14
N VAL C 47 0.79 1.24 -16.09
CA VAL C 47 0.92 2.37 -17.04
C VAL C 47 2.08 2.15 -18.01
N LYS C 48 1.78 2.20 -19.31
CA LYS C 48 2.83 2.08 -20.34
C LYS C 48 3.51 3.42 -20.62
N LEU C 49 4.84 3.38 -20.66
CA LEU C 49 5.64 4.55 -20.98
C LEU C 49 6.02 4.41 -22.43
N GLU C 50 5.52 5.34 -23.25
CA GLU C 50 5.57 5.24 -24.71
C GLU C 50 6.18 6.45 -25.42
N GLY C 51 6.73 7.39 -24.65
CA GLY C 51 7.47 8.52 -25.26
C GLY C 51 8.57 9.16 -24.41
N LYS C 52 8.52 10.49 -24.31
CA LYS C 52 9.40 11.29 -23.43
C LYS C 52 9.38 10.81 -21.98
N ASP C 53 8.23 10.28 -21.55
CA ASP C 53 8.10 9.75 -20.20
C ASP C 53 9.10 8.62 -19.85
N LYS C 54 9.57 7.90 -20.86
CA LYS C 54 10.59 6.88 -20.64
C LYS C 54 11.87 7.47 -20.05
N ASP C 55 12.11 8.76 -20.29
CA ASP C 55 13.32 9.42 -19.80
C ASP C 55 13.09 10.19 -18.52
N LYS C 56 11.83 10.39 -18.18
CA LYS C 56 11.44 11.16 -17.01
C LYS C 56 11.29 10.25 -15.79
N ILE C 57 10.72 9.07 -16.00
CA ILE C 57 10.48 8.13 -14.92
C ILE C 57 11.69 7.20 -14.71
N LYS C 58 12.06 7.01 -13.45
CA LYS C 58 13.20 6.20 -13.04
C LYS C 58 12.81 4.74 -12.90
N ASP C 59 13.75 3.83 -13.13
CA ASP C 59 13.53 2.43 -12.79
C ASP C 59 13.30 2.28 -11.29
N GLY C 60 12.50 1.29 -10.91
CA GLY C 60 12.19 1.06 -9.51
C GLY C 60 11.16 2.04 -9.01
N ASN C 61 11.20 2.32 -7.70
CA ASN C 61 10.17 3.14 -7.07
C ASN C 61 10.27 4.63 -7.41
N ASN C 62 9.11 5.24 -7.63
CA ASN C 62 9.00 6.67 -7.87
C ASN C 62 7.88 7.13 -6.94
N GLU C 63 8.19 8.02 -6.00
CA GLU C 63 7.19 8.45 -5.02
C GLU C 63 6.47 9.71 -5.48
N ASN C 64 5.37 10.03 -4.79
CA ASN C 64 4.70 11.33 -4.91
C ASN C 64 4.32 11.70 -6.36
N LEU C 65 3.67 10.75 -7.03
CA LEU C 65 3.23 10.91 -8.41
C LEU C 65 1.71 11.08 -8.45
N ASP C 66 1.23 11.79 -9.46
CA ASP C 66 -0.20 11.71 -9.85
C ASP C 66 -0.26 10.89 -11.12
N VAL C 67 -1.39 10.23 -11.36
CA VAL C 67 -1.57 9.53 -12.62
C VAL C 67 -2.99 9.70 -13.10
N PHE C 68 -3.10 10.08 -14.36
CA PHE C 68 -4.43 10.33 -14.96
C PHE C 68 -4.67 9.07 -15.77
N VAL C 69 -5.61 8.22 -15.31
CA VAL C 69 -5.81 6.87 -15.86
C VAL C 69 -7.00 6.82 -16.79
N VAL C 70 -6.83 6.22 -17.95
CA VAL C 70 -7.94 5.89 -18.85
C VAL C 70 -7.75 4.43 -19.28
N ARG C 71 -8.77 3.59 -19.11
CA ARG C 71 -8.56 2.16 -19.36
C ARG C 71 -8.54 1.88 -20.86
N GLU C 72 -7.50 1.16 -21.31
CA GLU C 72 -7.34 0.79 -22.70
C GLU C 72 -7.85 -0.65 -22.90
N GLY C 73 -8.35 -0.99 -24.08
CA GLY C 73 -8.62 -2.39 -24.37
C GLY C 73 -9.97 -2.86 -23.86
N SER C 74 -10.18 -4.17 -23.71
CA SER C 74 -11.49 -4.71 -23.30
C SER C 74 -11.97 -4.07 -21.99
N GLY C 75 -13.25 -3.80 -21.84
CA GLY C 75 -13.67 -3.23 -20.56
C GLY C 75 -13.53 -4.13 -19.33
N ARG C 76 -13.09 -5.39 -19.52
CA ARG C 76 -13.27 -6.45 -18.51
C ARG C 76 -12.12 -6.76 -17.52
N GLN C 77 -10.90 -6.30 -17.82
CA GLN C 77 -9.74 -6.61 -16.97
C GLN C 77 -9.87 -5.99 -15.58
N ALA C 78 -9.49 -6.76 -14.57
CA ALA C 78 -9.44 -6.28 -13.20
C ALA C 78 -8.50 -5.08 -13.09
N ASP C 79 -7.27 -5.20 -13.59
CA ASP C 79 -6.30 -4.13 -13.54
C ASP C 79 -6.62 -3.00 -14.53
N ASN C 80 -6.20 -1.78 -14.19
CA ASN C 80 -6.26 -0.69 -15.18
C ASN C 80 -5.03 -0.73 -16.06
N ASN C 81 -5.22 -0.85 -17.38
CA ASN C 81 -4.13 -0.70 -18.33
C ASN C 81 -4.27 0.64 -19.04
N SER C 82 -3.29 1.51 -18.84
CA SER C 82 -3.37 2.88 -19.31
C SER C 82 -2.02 3.29 -19.88
N ILE C 83 -2.03 4.41 -20.60
CA ILE C 83 -0.85 4.87 -21.31
C ILE C 83 -0.54 6.30 -20.88
N GLY C 84 0.67 6.51 -20.38
CA GLY C 84 1.14 7.85 -20.03
C GLY C 84 0.40 8.46 -18.87
N GLY C 85 0.28 9.78 -18.88
CA GLY C 85 -0.51 10.47 -17.86
C GLY C 85 0.10 10.59 -16.48
N ILE C 86 1.41 10.34 -16.34
CA ILE C 86 2.05 10.40 -15.02
C ILE C 86 2.67 11.80 -14.88
N THR C 87 2.47 12.40 -13.71
CA THR C 87 3.07 13.71 -13.37
C THR C 87 3.57 13.72 -11.95
N LYS C 88 4.44 14.68 -11.64
CA LYS C 88 4.83 14.98 -10.26
C LYS C 88 3.60 15.56 -9.57
N THR C 89 3.34 15.11 -8.34
CA THR C 89 2.17 15.62 -7.62
C THR C 89 2.43 17.08 -7.22
N ASN C 90 1.38 17.82 -6.87
CA ASN C 90 1.56 19.17 -6.31
C ASN C 90 2.42 19.19 -5.05
N ARG C 91 3.05 20.34 -4.81
CA ARG C 91 3.88 20.50 -3.62
C ARG C 91 3.14 20.12 -2.35
N THR C 92 1.90 20.59 -2.22
CA THR C 92 0.99 20.17 -1.14
C THR C 92 -0.29 19.55 -1.72
N GLN C 93 -1.04 18.83 -0.89
CA GLN C 93 -2.29 18.21 -1.36
C GLN C 93 -3.50 19.11 -1.17
N HIS C 94 -3.25 20.35 -0.77
CA HIS C 94 -4.30 21.39 -0.62
C HIS C 94 -4.80 21.76 -2.00
N ILE C 95 -6.10 22.03 -2.11
CA ILE C 95 -6.68 22.33 -3.43
C ILE C 95 -6.52 23.83 -3.69
N ASP C 96 -5.88 24.16 -4.81
CA ASP C 96 -5.66 25.55 -5.18
CA ASP C 96 -5.59 25.54 -5.19
C ASP C 96 -5.71 25.67 -6.70
N THR C 97 -6.25 26.79 -7.17
CA THR C 97 -6.28 27.03 -8.59
C THR C 97 -4.88 27.46 -9.02
N VAL C 98 -4.25 26.61 -9.83
CA VAL C 98 -2.90 26.88 -10.34
C VAL C 98 -2.94 27.97 -11.42
N GLN C 99 -3.95 27.92 -12.27
CA GLN C 99 -4.09 28.89 -13.32
C GLN C 99 -5.54 28.94 -13.76
N ASN C 100 -5.99 30.14 -14.08
CA ASN C 100 -7.27 30.36 -14.75
C ASN C 100 -7.00 30.64 -16.22
N VAL C 101 -7.63 29.87 -17.11
CA VAL C 101 -7.28 29.89 -18.53
C VAL C 101 -8.52 30.20 -19.34
N ASN C 102 -8.45 31.15 -20.26
CA ASN C 102 -9.62 31.41 -21.08
C ASN C 102 -9.79 30.29 -22.08
N LEU C 103 -11.02 29.77 -22.13
CA LEU C 103 -11.38 28.74 -23.08
C LEU C 103 -12.39 29.35 -24.06
N LEU C 104 -11.99 29.39 -25.33
CA LEU C 104 -12.79 30.03 -26.36
C LEU C 104 -13.20 28.96 -27.35
N VAL C 105 -14.49 28.70 -27.43
CA VAL C 105 -15.03 27.69 -28.36
C VAL C 105 -15.87 28.37 -29.45
N SER C 106 -15.41 28.25 -30.69
CA SER C 106 -16.06 28.95 -31.80
C SER C 106 -16.65 27.90 -32.71
N LYS C 107 -17.98 27.90 -32.79
CA LYS C 107 -18.74 26.98 -33.63
C LYS C 107 -19.46 27.68 -34.77
N SER C 108 -19.10 27.29 -36.00
CA SER C 108 -19.75 27.73 -37.21
C SER C 108 -21.21 27.25 -37.27
N THR C 109 -22.11 28.21 -37.45
CA THR C 109 -23.55 27.93 -37.50
C THR C 109 -24.15 28.29 -38.84
N GLY C 110 -23.31 28.35 -39.86
CA GLY C 110 -23.71 28.83 -41.19
C GLY C 110 -22.55 29.46 -41.93
N GLN C 111 -22.81 29.91 -43.15
CA GLN C 111 -21.75 30.49 -43.97
C GLN C 111 -21.11 31.70 -43.31
N HIS C 112 -21.95 32.56 -42.73
CA HIS C 112 -21.51 33.86 -42.21
C HIS C 112 -21.69 33.99 -40.70
N THR C 113 -22.12 32.93 -40.03
CA THR C 113 -22.36 33.04 -38.58
C THR C 113 -21.55 32.05 -37.74
N THR C 114 -21.15 32.48 -36.54
CA THR C 114 -20.41 31.66 -35.59
C THR C 114 -21.03 31.91 -34.21
N SER C 115 -21.12 30.86 -33.38
CA SER C 115 -21.45 31.04 -31.98
C SER C 115 -20.17 30.81 -31.21
N VAL C 116 -19.84 31.77 -30.35
CA VAL C 116 -18.59 31.77 -29.61
C VAL C 116 -18.88 31.71 -28.10
N THR C 117 -18.32 30.71 -27.44
CA THR C 117 -18.47 30.55 -25.98
C THR C 117 -17.11 30.89 -25.33
N SER C 118 -17.13 31.78 -24.34
CA SER C 118 -15.91 32.18 -23.67
C SER C 118 -16.11 31.94 -22.17
N THR C 119 -15.29 31.08 -21.60
CA THR C 119 -15.45 30.72 -20.19
C THR C 119 -14.08 30.55 -19.55
N ASN C 120 -14.07 30.49 -18.22
CA ASN C 120 -12.84 30.14 -17.51
C ASN C 120 -12.68 28.64 -17.40
N TYR C 121 -11.48 28.17 -17.71
CA TYR C 121 -11.11 26.76 -17.57
C TYR C 121 -10.04 26.69 -16.49
N SER C 122 -10.35 26.04 -15.38
CA SER C 122 -9.45 25.99 -14.23
C SER C 122 -8.42 24.87 -14.36
N ILE C 123 -7.19 25.18 -13.96
CA ILE C 123 -6.10 24.20 -13.88
C ILE C 123 -5.75 24.12 -12.41
N TYR C 124 -5.71 22.90 -11.87
CA TYR C 124 -5.41 22.69 -10.44
C TYR C 124 -4.11 21.94 -10.20
N LYS C 125 -3.41 21.58 -11.27
CA LYS C 125 -2.14 20.84 -11.20
C LYS C 125 -0.96 21.65 -11.69
N GLU C 126 0.10 21.66 -10.89
CA GLU C 126 1.34 22.36 -11.20
C GLU C 126 2.01 21.74 -12.41
N GLU C 127 1.94 20.42 -12.52
CA GLU C 127 2.42 19.71 -13.70
C GLU C 127 1.27 18.90 -14.21
N ILE C 128 0.91 19.09 -15.49
CA ILE C 128 -0.23 18.39 -16.06
C ILE C 128 0.17 17.69 -17.36
N SER C 129 -0.33 16.46 -17.56
CA SER C 129 -0.03 15.73 -18.77
C SER C 129 -0.92 16.19 -19.92
N LEU C 130 -0.40 16.09 -21.14
CA LEU C 130 -1.25 16.32 -22.30
C LEU C 130 -2.41 15.33 -22.34
N LYS C 131 -2.21 14.12 -21.82
CA LYS C 131 -3.32 13.15 -21.72
C LYS C 131 -4.51 13.81 -21.02
N GLU C 132 -4.25 14.37 -19.85
CA GLU C 132 -5.28 14.92 -19.01
C GLU C 132 -5.95 16.11 -19.68
N LEU C 133 -5.16 17.03 -20.20
CA LEU C 133 -5.71 18.19 -20.87
CA LEU C 133 -5.71 18.19 -20.87
C LEU C 133 -6.60 17.76 -22.02
N ASP C 134 -6.05 16.91 -22.88
CA ASP C 134 -6.79 16.43 -24.03
C ASP C 134 -8.10 15.75 -23.63
N PHE C 135 -8.00 14.79 -22.70
CA PHE C 135 -9.17 14.01 -22.35
C PHE C 135 -10.29 14.84 -21.72
N LYS C 136 -9.94 15.67 -20.74
CA LYS C 136 -10.94 16.47 -20.01
C LYS C 136 -11.54 17.58 -20.90
N LEU C 137 -10.70 18.14 -21.76
CA LEU C 137 -11.19 19.12 -22.74
C LEU C 137 -12.20 18.46 -23.70
N ARG C 138 -11.88 17.30 -24.23
CA ARG C 138 -12.80 16.67 -25.17
C ARG C 138 -14.11 16.26 -24.48
N LYS C 139 -14.01 15.74 -23.27
CA LYS C 139 -15.22 15.41 -22.55
C LYS C 139 -16.10 16.64 -22.34
N HIS C 140 -15.47 17.77 -22.01
CA HIS C 140 -16.17 19.06 -21.90
C HIS C 140 -16.89 19.43 -23.19
N LEU C 141 -16.21 19.24 -24.33
CA LEU C 141 -16.80 19.54 -25.64
C LEU C 141 -17.91 18.59 -25.98
N ILE C 142 -17.75 17.32 -25.58
CA ILE C 142 -18.79 16.33 -25.78
C ILE C 142 -20.05 16.72 -25.02
N ASP C 143 -19.85 17.09 -23.76
CA ASP C 143 -20.94 17.39 -22.85
C ASP C 143 -21.62 18.72 -23.23
N LYS C 144 -20.81 19.72 -23.57
CA LYS C 144 -21.34 21.09 -23.76
C LYS C 144 -21.48 21.60 -25.21
N HIS C 145 -20.78 20.97 -26.15
CA HIS C 145 -20.75 21.47 -27.53
C HIS C 145 -20.97 20.41 -28.59
N ASP C 146 -21.60 19.31 -28.19
CA ASP C 146 -21.96 18.25 -29.12
C ASP C 146 -20.82 17.63 -29.94
N LEU C 147 -19.60 17.66 -29.41
CA LEU C 147 -18.50 16.97 -30.07
C LEU C 147 -18.83 15.48 -30.32
N TYR C 148 -18.54 15.05 -31.54
CA TYR C 148 -18.77 13.67 -32.01
C TYR C 148 -20.23 13.26 -32.19
N LYS C 149 -21.15 14.22 -32.13
CA LYS C 149 -22.52 14.00 -32.60
C LYS C 149 -22.60 14.12 -34.12
N THR C 150 -21.59 14.78 -34.67
CA THR C 150 -21.43 14.97 -36.10
C THR C 150 -19.98 14.63 -36.40
N GLU C 151 -19.64 14.48 -37.68
CA GLU C 151 -18.24 14.30 -38.07
C GLU C 151 -17.36 15.49 -37.63
N PRO C 152 -16.25 15.21 -36.93
CA PRO C 152 -15.43 16.30 -36.39
C PRO C 152 -14.68 17.11 -37.46
N LYS C 153 -14.44 16.48 -38.62
CA LYS C 153 -13.76 17.12 -39.75
C LYS C 153 -12.44 17.75 -39.26
N ASP C 154 -12.27 19.05 -39.53
CA ASP C 154 -11.03 19.78 -39.26
C ASP C 154 -10.90 20.36 -37.84
N SER C 155 -11.89 20.11 -36.99
CA SER C 155 -11.92 20.64 -35.63
C SER C 155 -10.65 20.32 -34.85
N LYS C 156 -10.19 21.29 -34.06
CA LYS C 156 -8.96 21.15 -33.29
C LYS C 156 -9.01 21.98 -32.01
N ILE C 157 -8.21 21.56 -31.03
CA ILE C 157 -7.93 22.40 -29.87
C ILE C 157 -6.49 22.89 -30.04
N ARG C 158 -6.27 24.19 -29.82
CA ARG C 158 -4.90 24.74 -29.79
C ARG C 158 -4.66 25.33 -28.40
N VAL C 159 -3.62 24.82 -27.72
CA VAL C 159 -3.29 25.27 -26.36
C VAL C 159 -2.05 26.13 -26.44
N THR C 160 -2.13 27.38 -25.97
CA THR C 160 -0.99 28.31 -26.11
C THR C 160 -0.50 28.64 -24.72
N MET C 161 0.82 28.58 -24.58
CA MET C 161 1.55 28.86 -23.36
C MET C 161 1.92 30.33 -23.25
N LYS C 162 2.25 30.79 -22.05
CA LYS C 162 2.69 32.17 -21.80
C LYS C 162 3.84 32.62 -22.71
N ASN C 163 4.80 31.74 -22.99
CA ASN C 163 5.94 32.08 -23.85
C ASN C 163 5.67 32.01 -25.36
N GLY C 164 4.47 31.61 -25.74
CA GLY C 164 4.07 31.51 -27.14
C GLY C 164 4.11 30.10 -27.68
N ASP C 165 4.65 29.15 -26.91
CA ASP C 165 4.72 27.75 -27.33
C ASP C 165 3.30 27.21 -27.47
N PHE C 166 3.15 26.14 -28.24
CA PHE C 166 1.80 25.66 -28.57
C PHE C 166 1.69 24.15 -28.78
N TYR C 167 0.51 23.62 -28.50
CA TYR C 167 0.16 22.23 -28.73
C TYR C 167 -1.16 22.24 -29.47
N THR C 168 -1.34 21.26 -30.33
CA THR C 168 -2.63 21.06 -30.98
C THR C 168 -3.13 19.66 -30.72
N PHE C 169 -4.42 19.55 -30.39
CA PHE C 169 -5.13 18.28 -30.42
C PHE C 169 -6.12 18.27 -31.56
N GLU C 170 -5.83 17.42 -32.54
CA GLU C 170 -6.71 17.22 -33.68
C GLU C 170 -7.83 16.30 -33.24
N LEU C 171 -9.05 16.78 -33.41
CA LEU C 171 -10.22 16.10 -32.85
C LEU C 171 -10.73 14.95 -33.70
N ASN C 172 -10.25 14.87 -34.95
CA ASN C 172 -10.64 13.73 -35.78
C ASN C 172 -9.86 12.44 -35.52
N LYS C 173 -8.96 12.46 -34.53
CA LYS C 173 -8.26 11.22 -34.13
C LYS C 173 -7.91 11.27 -32.65
N LYS C 174 -7.65 10.11 -32.06
CA LYS C 174 -7.22 10.07 -30.64
C LYS C 174 -5.88 10.80 -30.50
N LEU C 175 -5.61 11.30 -29.31
CA LEU C 175 -4.29 11.81 -29.02
C LEU C 175 -3.25 10.70 -29.28
N GLN C 176 -2.15 11.02 -29.96
CA GLN C 176 -1.18 9.98 -30.28
C GLN C 176 -0.62 9.40 -28.98
N THR C 177 -0.48 8.07 -28.90
CA THR C 177 0.05 7.45 -27.69
C THR C 177 1.42 7.99 -27.25
N HIS C 178 2.28 8.34 -28.21
CA HIS C 178 3.61 8.85 -27.87
C HIS C 178 3.57 10.19 -27.09
N ARG C 179 2.44 10.89 -27.15
CA ARG C 179 2.26 12.21 -26.50
C ARG C 179 1.60 12.14 -25.14
N MET C 180 1.01 10.99 -24.83
CA MET C 180 0.23 10.87 -23.59
C MET C 180 1.04 11.09 -22.31
N GLY C 181 2.32 10.76 -22.37
CA GLY C 181 3.22 10.99 -21.24
C GLY C 181 3.90 12.35 -21.23
N ASP C 182 3.67 13.15 -22.26
CA ASP C 182 4.23 14.53 -22.27
C ASP C 182 3.60 15.37 -21.16
N VAL C 183 4.42 16.17 -20.47
CA VAL C 183 3.94 17.02 -19.38
C VAL C 183 4.25 18.50 -19.60
N ILE C 184 3.35 19.36 -19.15
CA ILE C 184 3.56 20.79 -19.20
C ILE C 184 3.34 21.47 -17.84
N ASP C 185 3.94 22.63 -17.68
CA ASP C 185 3.79 23.45 -16.49
C ASP C 185 2.43 24.15 -16.55
N GLY C 186 1.51 23.73 -15.67
CA GLY C 186 0.16 24.23 -15.63
C GLY C 186 0.03 25.73 -15.45
N ARG C 187 0.94 26.32 -14.66
CA ARG C 187 0.93 27.75 -14.43
C ARG C 187 1.17 28.55 -15.70
N ASN C 188 1.84 27.94 -16.68
CA ASN C 188 2.20 28.62 -17.91
C ASN C 188 1.24 28.44 -19.10
N ILE C 189 0.07 27.85 -18.85
CA ILE C 189 -0.95 27.77 -19.91
C ILE C 189 -1.62 29.15 -20.00
N GLU C 190 -1.64 29.73 -21.20
CA GLU C 190 -2.21 31.07 -21.35
CA GLU C 190 -2.18 31.08 -21.41
C GLU C 190 -3.64 31.06 -21.88
N LYS C 191 -3.90 30.26 -22.91
CA LYS C 191 -5.24 30.22 -23.51
C LYS C 191 -5.48 28.90 -24.26
N ILE C 192 -6.76 28.57 -24.40
CA ILE C 192 -7.20 27.37 -25.16
C ILE C 192 -8.25 27.80 -26.17
N GLU C 193 -8.02 27.52 -27.45
CA GLU C 193 -8.94 27.87 -28.50
C GLU C 193 -9.38 26.61 -29.23
N VAL C 194 -10.69 26.49 -29.41
CA VAL C 194 -11.29 25.30 -30.02
C VAL C 194 -12.13 25.76 -31.19
N ASN C 195 -11.89 25.19 -32.37
CA ASN C 195 -12.75 25.48 -33.51
CA ASN C 195 -12.73 25.47 -33.55
C ASN C 195 -13.61 24.26 -33.83
N LEU C 196 -14.92 24.46 -33.88
CA LEU C 196 -15.88 23.37 -34.15
C LEU C 196 -16.74 23.63 -35.40
N ARG D 6 6.00 -6.79 33.44
CA ARG D 6 7.42 -6.29 33.44
C ARG D 6 7.52 -4.86 33.96
N SER D 7 8.66 -4.54 34.56
CA SER D 7 8.89 -3.16 34.96
C SER D 7 8.81 -2.28 33.74
N GLN D 8 8.44 -1.03 33.96
CA GLN D 8 8.47 -0.05 32.90
C GLN D 8 9.87 0.01 32.28
N ALA D 9 10.91 -0.10 33.11
CA ALA D 9 12.30 -0.01 32.65
C ALA D 9 12.59 -1.10 31.60
N THR D 10 12.14 -2.31 31.89
CA THR D 10 12.35 -3.44 30.98
C THR D 10 11.50 -3.29 29.73
N GLN D 11 10.25 -2.87 29.89
CA GLN D 11 9.42 -2.54 28.74
CA GLN D 11 9.42 -2.53 28.73
C GLN D 11 10.16 -1.55 27.82
N ASP D 12 10.71 -0.48 28.41
CA ASP D 12 11.39 0.56 27.65
C ASP D 12 12.63 0.03 26.89
N LEU D 13 13.37 -0.89 27.49
CA LEU D 13 14.55 -1.50 26.84
C LEU D 13 14.09 -2.35 25.67
N SER D 14 12.97 -3.06 25.88
CA SER D 14 12.39 -3.86 24.81
C SER D 14 11.96 -2.98 23.63
N GLU D 15 11.30 -1.86 23.93
CA GLU D 15 10.80 -0.96 22.89
C GLU D 15 11.96 -0.32 22.17
N TYR D 16 13.01 0.06 22.91
CA TYR D 16 14.22 0.63 22.28
C TYR D 16 14.96 -0.31 21.33
N TYR D 17 15.12 -1.57 21.72
CA TYR D 17 16.01 -2.46 20.99
C TYR D 17 15.25 -3.24 19.91
N ASN D 18 13.96 -3.50 20.12
CA ASN D 18 13.18 -4.36 19.20
C ASN D 18 12.56 -3.53 18.04
N ARG D 19 13.47 -2.96 17.25
CA ARG D 19 13.20 -1.92 16.25
C ARG D 19 14.18 -2.06 15.09
N PRO D 20 13.78 -1.57 13.91
CA PRO D 20 14.73 -1.60 12.80
C PRO D 20 15.87 -0.63 12.97
N TYR D 21 16.97 -0.98 12.33
CA TYR D 21 18.11 -0.09 12.20
C TYR D 21 18.27 0.15 10.69
N PHE D 22 19.08 1.14 10.34
CA PHE D 22 19.35 1.44 8.93
C PHE D 22 20.87 1.52 8.78
N ASP D 23 21.41 1.00 7.68
CA ASP D 23 22.83 1.01 7.36
CA ASP D 23 22.84 1.14 7.48
C ASP D 23 23.10 1.98 6.22
N LEU D 24 24.01 2.91 6.37
CA LEU D 24 24.36 3.73 5.21
C LEU D 24 25.78 3.37 4.87
N ARG D 25 26.10 3.27 3.58
CA ARG D 25 27.35 2.68 3.17
C ARG D 25 28.06 3.60 2.21
N ASN D 26 29.33 3.86 2.54
CA ASN D 26 30.23 4.65 1.72
C ASN D 26 29.64 5.97 1.30
N LEU D 27 29.33 6.81 2.29
CA LEU D 27 28.81 8.15 2.02
C LEU D 27 29.74 9.20 2.60
N SER D 28 29.68 10.40 2.05
N SER D 28 29.68 10.40 2.06
CA SER D 28 30.30 11.56 2.70
CA SER D 28 30.31 11.54 2.73
C SER D 28 29.39 12.06 3.84
C SER D 28 29.40 12.01 3.87
N GLY D 29 29.99 12.62 4.89
CA GLY D 29 29.24 13.19 5.99
C GLY D 29 29.80 14.58 6.26
N TYR D 30 28.90 15.55 6.44
CA TYR D 30 29.30 16.93 6.60
C TYR D 30 29.08 17.32 8.05
N ARG D 31 30.12 17.81 8.73
CA ARG D 31 30.01 18.09 10.17
C ARG D 31 29.90 19.60 10.42
N GLU D 32 28.87 19.99 11.15
CA GLU D 32 28.77 21.36 11.69
C GLU D 32 28.51 21.17 13.20
N GLY D 33 29.25 21.88 14.06
CA GLY D 33 29.15 21.68 15.51
C GLY D 33 29.43 20.22 15.83
N ASN D 34 28.51 19.62 16.59
CA ASN D 34 28.59 18.19 16.91
C ASN D 34 27.61 17.31 16.13
N THR D 35 27.18 17.78 14.97
CA THR D 35 26.25 16.99 14.16
C THR D 35 26.87 16.66 12.81
N VAL D 36 26.67 15.42 12.31
CA VAL D 36 27.15 15.08 10.96
C VAL D 36 25.91 14.76 10.10
N THR D 37 25.83 15.41 8.94
CA THR D 37 24.72 15.21 8.03
C THR D 37 25.10 14.27 6.91
N PHE D 38 24.28 13.24 6.74
CA PHE D 38 24.36 12.30 5.62
C PHE D 38 23.12 12.41 4.75
N ILE D 39 23.30 12.42 3.45
CA ILE D 39 22.19 12.39 2.52
C ILE D 39 22.32 11.20 1.56
N ASN D 40 21.25 10.42 1.49
CA ASN D 40 21.20 9.20 0.71
C ASN D 40 19.89 9.27 -0.04
N HIS D 41 19.98 9.46 -1.34
CA HIS D 41 18.82 9.60 -2.24
C HIS D 41 17.80 10.59 -1.68
N TYR D 42 18.30 11.78 -1.36
CA TYR D 42 17.50 12.87 -0.76
C TYR D 42 16.89 12.54 0.61
N GLN D 43 17.34 11.45 1.24
CA GLN D 43 16.95 11.17 2.62
C GLN D 43 18.08 11.66 3.54
N GLN D 44 17.75 12.61 4.39
CA GLN D 44 18.74 13.20 5.29
C GLN D 44 18.75 12.46 6.60
N THR D 45 19.96 12.07 7.04
CA THR D 45 20.16 11.54 8.40
C THR D 45 21.19 12.42 9.08
N ASP D 46 20.78 13.00 10.21
CA ASP D 46 21.69 13.79 11.05
C ASP D 46 22.10 12.92 12.21
N VAL D 47 23.40 12.84 12.47
CA VAL D 47 23.97 12.00 13.53
C VAL D 47 24.70 12.86 14.57
N LYS D 48 24.38 12.65 15.85
CA LYS D 48 25.01 13.37 16.96
C LYS D 48 26.28 12.72 17.40
N LEU D 49 27.32 13.54 17.56
CA LEU D 49 28.63 13.11 18.01
C LEU D 49 28.66 13.46 19.51
N GLU D 50 28.85 12.44 20.33
CA GLU D 50 28.74 12.61 21.81
C GLU D 50 29.86 11.94 22.61
N GLY D 51 30.88 11.43 21.93
CA GLY D 51 32.08 10.97 22.65
C GLY D 51 33.40 11.15 21.90
N LYS D 52 34.20 10.08 21.90
CA LYS D 52 35.50 10.01 21.21
C LYS D 52 35.38 10.31 19.71
N ASP D 53 34.20 10.04 19.16
CA ASP D 53 33.92 10.36 17.74
C ASP D 53 34.08 11.87 17.41
N LYS D 54 33.91 12.74 18.42
CA LYS D 54 34.12 14.19 18.23
C LYS D 54 35.56 14.47 17.79
N ASP D 55 36.47 13.58 18.18
CA ASP D 55 37.89 13.73 17.79
C ASP D 55 38.25 13.03 16.48
N LYS D 56 37.42 12.07 16.07
CA LYS D 56 37.67 11.28 14.88
C LYS D 56 37.11 11.97 13.63
N ILE D 57 35.90 12.51 13.75
CA ILE D 57 35.21 13.09 12.59
C ILE D 57 35.62 14.56 12.49
N LYS D 58 35.93 15.04 11.28
CA LYS D 58 36.48 16.38 11.13
C LYS D 58 35.39 17.41 10.89
N ASP D 59 35.59 18.65 11.36
CA ASP D 59 34.68 19.73 10.96
CA ASP D 59 34.69 19.74 10.97
C ASP D 59 34.65 19.85 9.44
N GLY D 60 33.46 20.06 8.88
CA GLY D 60 33.36 20.15 7.42
C GLY D 60 33.25 18.79 6.74
N ASN D 61 33.96 18.65 5.63
CA ASN D 61 33.86 17.46 4.79
C ASN D 61 34.50 16.19 5.39
N ASN D 62 33.84 15.05 5.15
CA ASN D 62 34.37 13.72 5.54
C ASN D 62 33.93 12.77 4.48
N GLU D 63 34.83 11.88 4.07
CA GLU D 63 34.52 10.96 2.98
C GLU D 63 34.55 9.51 3.40
N ASN D 64 33.87 8.69 2.60
CA ASN D 64 33.94 7.23 2.66
C ASN D 64 33.58 6.68 4.02
N LEU D 65 32.40 7.07 4.51
CA LEU D 65 31.94 6.66 5.85
C LEU D 65 30.75 5.71 5.78
N ASP D 66 30.64 4.82 6.78
CA ASP D 66 29.45 4.01 6.99
C ASP D 66 28.77 4.54 8.24
N VAL D 67 27.46 4.36 8.30
CA VAL D 67 26.71 4.75 9.52
C VAL D 67 25.70 3.70 9.89
N PHE D 68 25.68 3.36 11.17
CA PHE D 68 24.67 2.45 11.68
C PHE D 68 23.66 3.33 12.40
N VAL D 69 22.45 3.37 11.86
CA VAL D 69 21.46 4.38 12.25
C VAL D 69 20.32 3.76 13.07
N VAL D 70 20.12 4.31 14.25
CA VAL D 70 19.00 3.97 15.10
C VAL D 70 18.39 5.28 15.60
N ARG D 71 17.18 5.58 15.19
CA ARG D 71 16.50 6.78 15.70
C ARG D 71 16.34 6.75 17.23
N GLU D 72 16.62 7.87 17.92
CA GLU D 72 16.56 7.89 19.40
C GLU D 72 15.17 8.16 19.94
N GLY D 73 14.26 8.48 19.02
CA GLY D 73 12.85 8.59 19.33
C GLY D 73 12.13 8.80 18.01
N SER D 74 10.86 8.42 17.99
CA SER D 74 9.98 8.65 16.86
C SER D 74 9.67 10.15 16.79
N GLY D 75 10.09 10.81 15.71
CA GLY D 75 9.82 12.24 15.55
C GLY D 75 11.01 13.02 15.03
N ARG D 76 10.79 13.73 13.93
CA ARG D 76 11.87 14.36 13.16
C ARG D 76 12.60 15.51 13.88
N GLN D 77 12.23 15.74 15.14
CA GLN D 77 12.90 16.69 16.04
C GLN D 77 14.40 16.38 16.22
N ALA D 78 15.19 17.45 16.40
CA ALA D 78 16.65 17.37 16.57
C ALA D 78 17.11 16.38 17.65
N ASP D 79 16.48 16.44 18.82
CA ASP D 79 16.90 15.61 19.93
C ASP D 79 16.67 14.10 19.71
N ASN D 80 15.95 13.75 18.65
CA ASN D 80 15.65 12.36 18.37
C ASN D 80 16.57 11.71 17.32
N ASN D 81 17.57 12.48 16.86
CA ASN D 81 18.53 12.01 15.87
C ASN D 81 19.31 10.83 16.38
N SER D 82 19.78 10.00 15.45
CA SER D 82 20.63 8.87 15.83
C SER D 82 21.97 9.39 16.40
N ILE D 83 22.56 8.60 17.29
CA ILE D 83 23.75 8.99 18.03
C ILE D 83 24.92 8.04 17.71
N GLY D 84 26.02 8.58 17.22
CA GLY D 84 27.21 7.77 17.03
C GLY D 84 27.10 6.84 15.85
N GLY D 85 27.72 5.66 15.95
CA GLY D 85 27.60 4.68 14.87
C GLY D 85 28.32 4.93 13.56
N ILE D 86 29.16 5.98 13.49
CA ILE D 86 29.90 6.28 12.24
C ILE D 86 31.24 5.52 12.21
N THR D 87 31.56 4.91 11.07
CA THR D 87 32.81 4.21 10.93
C THR D 87 33.39 4.49 9.54
N LYS D 88 34.66 4.16 9.37
CA LYS D 88 35.25 4.13 8.02
C LYS D 88 34.63 2.99 7.22
N THR D 89 34.32 3.24 5.97
CA THR D 89 33.79 2.18 5.08
C THR D 89 34.87 1.14 4.79
N ASN D 90 34.47 -0.07 4.42
CA ASN D 90 35.45 -1.08 4.01
C ASN D 90 36.34 -0.59 2.86
N ARG D 91 37.65 -0.73 3.01
CA ARG D 91 38.57 -0.39 1.90
C ARG D 91 38.62 -1.54 0.92
N THR D 92 38.42 -2.74 1.45
CA THR D 92 38.46 -3.95 0.66
C THR D 92 37.07 -4.55 0.59
N GLN D 93 36.70 -5.05 -0.57
CA GLN D 93 35.50 -5.81 -0.68
C GLN D 93 35.82 -7.26 -0.33
N HIS D 94 35.03 -7.78 0.59
CA HIS D 94 35.18 -9.15 1.05
C HIS D 94 34.08 -10.01 0.43
N ILE D 95 34.48 -11.14 -0.16
CA ILE D 95 33.52 -12.06 -0.77
C ILE D 95 32.87 -12.87 0.35
N ASP D 96 33.49 -12.81 1.51
CA ASP D 96 33.10 -13.58 2.64
C ASP D 96 33.07 -12.64 3.85
N THR D 97 33.11 -13.23 5.04
CA THR D 97 33.16 -12.46 6.28
C THR D 97 34.57 -11.91 6.48
N VAL D 98 34.64 -10.77 7.15
CA VAL D 98 35.87 -10.21 7.65
C VAL D 98 36.40 -11.11 8.79
N GLN D 99 35.50 -11.59 9.63
CA GLN D 99 35.87 -12.38 10.81
C GLN D 99 34.67 -13.19 11.27
N ASN D 100 34.92 -14.42 11.71
CA ASN D 100 33.89 -15.26 12.33
C ASN D 100 34.12 -15.42 13.81
N VAL D 101 33.12 -15.08 14.60
CA VAL D 101 33.30 -14.97 16.02
C VAL D 101 32.41 -16.00 16.71
N ASN D 102 32.94 -16.76 17.66
CA ASN D 102 32.10 -17.63 18.46
C ASN D 102 31.24 -16.79 19.43
N LEU D 103 29.92 -17.00 19.35
CA LEU D 103 28.96 -16.38 20.23
C LEU D 103 28.48 -17.45 21.25
N LEU D 104 28.77 -17.25 22.53
CA LEU D 104 28.33 -18.17 23.60
C LEU D 104 27.28 -17.49 24.45
N VAL D 105 26.13 -18.15 24.61
CA VAL D 105 25.07 -17.62 25.47
C VAL D 105 24.80 -18.65 26.56
N SER D 106 25.00 -18.24 27.79
CA SER D 106 24.92 -19.19 28.93
C SER D 106 23.76 -18.80 29.80
N LYS D 107 23.03 -19.79 30.32
CA LYS D 107 21.92 -19.54 31.20
C LYS D 107 21.96 -20.57 32.31
N SER D 108 21.84 -20.14 33.57
CA SER D 108 21.71 -21.13 34.68
C SER D 108 20.48 -22.02 34.55
N THR D 109 20.66 -23.31 34.77
CA THR D 109 19.51 -24.20 34.74
C THR D 109 19.34 -24.96 36.06
N GLY D 110 20.10 -24.58 37.08
CA GLY D 110 20.12 -25.31 38.34
C GLY D 110 21.29 -24.81 39.17
N GLN D 111 21.35 -25.26 40.43
CA GLN D 111 22.34 -24.73 41.39
C GLN D 111 23.77 -24.97 40.90
N HIS D 112 23.99 -26.06 40.16
CA HIS D 112 25.34 -26.39 39.68
C HIS D 112 25.42 -26.56 38.13
N THR D 113 24.35 -26.23 37.41
CA THR D 113 24.29 -26.49 35.97
C THR D 113 24.00 -25.24 35.15
N THR D 114 24.62 -25.20 33.98
CA THR D 114 24.44 -24.12 33.02
C THR D 114 24.17 -24.71 31.66
N SER D 115 23.29 -24.07 30.89
CA SER D 115 23.11 -24.42 29.49
C SER D 115 23.86 -23.41 28.64
N VAL D 116 24.71 -23.89 27.73
CA VAL D 116 25.51 -23.00 26.87
C VAL D 116 25.15 -23.19 25.40
N THR D 117 24.72 -22.09 24.75
CA THR D 117 24.44 -22.16 23.34
C THR D 117 25.61 -21.52 22.56
N SER D 118 26.16 -22.25 21.59
CA SER D 118 27.35 -21.82 20.86
C SER D 118 27.03 -21.73 19.37
N THR D 119 27.09 -20.50 18.84
CA THR D 119 26.86 -20.27 17.43
C THR D 119 27.91 -19.30 16.85
N ASN D 120 27.82 -19.07 15.54
CA ASN D 120 28.72 -18.19 14.84
C ASN D 120 28.13 -16.78 14.69
N TYR D 121 28.95 -15.79 14.99
CA TYR D 121 28.56 -14.40 14.75
C TYR D 121 29.46 -13.81 13.65
N SER D 122 28.83 -13.45 12.53
CA SER D 122 29.54 -13.02 11.34
C SER D 122 29.79 -11.52 11.38
N ILE D 123 31.06 -11.16 11.17
CA ILE D 123 31.50 -9.75 11.05
C ILE D 123 31.85 -9.45 9.59
N TYR D 124 31.19 -8.42 9.03
CA TYR D 124 31.36 -8.01 7.64
C TYR D 124 32.09 -6.67 7.48
N LYS D 125 32.41 -6.05 8.61
CA LYS D 125 33.02 -4.73 8.59
C LYS D 125 34.42 -4.67 9.18
N GLU D 126 35.30 -3.99 8.46
CA GLU D 126 36.67 -3.75 8.91
C GLU D 126 36.74 -2.94 10.19
N GLU D 127 35.90 -1.88 10.28
CA GLU D 127 35.77 -1.07 11.49
C GLU D 127 34.31 -1.10 11.83
N ILE D 128 34.00 -1.45 13.07
CA ILE D 128 32.60 -1.56 13.48
C ILE D 128 32.38 -0.80 14.78
N SER D 129 31.23 -0.13 14.88
CA SER D 129 30.92 0.67 16.09
C SER D 129 30.40 -0.21 17.24
N LEU D 130 30.66 0.21 18.48
CA LEU D 130 30.03 -0.49 19.60
C LEU D 130 28.50 -0.43 19.47
N LYS D 131 27.97 0.70 18.97
CA LYS D 131 26.53 0.84 18.71
C LYS D 131 25.99 -0.36 17.95
N GLU D 132 26.68 -0.70 16.87
CA GLU D 132 26.21 -1.77 15.94
C GLU D 132 26.30 -3.12 16.63
N LEU D 133 27.41 -3.38 17.28
CA LEU D 133 27.52 -4.70 17.96
C LEU D 133 26.45 -4.84 19.06
N ASP D 134 26.30 -3.80 19.87
CA ASP D 134 25.31 -3.82 20.95
C ASP D 134 23.89 -4.05 20.36
N PHE D 135 23.51 -3.27 19.35
CA PHE D 135 22.15 -3.29 18.84
C PHE D 135 21.85 -4.66 18.20
N LYS D 136 22.81 -5.17 17.41
CA LYS D 136 22.57 -6.43 16.68
C LYS D 136 22.60 -7.64 17.61
N LEU D 137 23.49 -7.61 18.62
CA LEU D 137 23.54 -8.70 19.60
C LEU D 137 22.28 -8.74 20.44
N ARG D 138 21.81 -7.58 20.90
CA ARG D 138 20.55 -7.55 21.66
C ARG D 138 19.33 -8.03 20.86
N LYS D 139 19.26 -7.70 19.55
CA LYS D 139 18.19 -8.19 18.70
C LYS D 139 18.23 -9.72 18.62
N HIS D 140 19.41 -10.27 18.41
CA HIS D 140 19.55 -11.72 18.42
C HIS D 140 19.03 -12.32 19.70
N LEU D 141 19.42 -11.76 20.84
CA LEU D 141 18.92 -12.26 22.14
C LEU D 141 17.41 -12.08 22.34
N ILE D 142 16.87 -11.00 21.82
CA ILE D 142 15.42 -10.76 21.86
C ILE D 142 14.73 -11.86 21.02
N ASP D 143 15.24 -12.12 19.83
CA ASP D 143 14.62 -13.12 18.96
C ASP D 143 14.76 -14.58 19.42
N LYS D 144 15.89 -14.95 20.02
CA LYS D 144 16.22 -16.36 20.28
C LYS D 144 16.36 -16.73 21.76
N HIS D 145 16.47 -15.74 22.63
CA HIS D 145 16.77 -15.99 24.03
C HIS D 145 15.87 -15.25 24.98
N ASP D 146 14.70 -14.84 24.48
CA ASP D 146 13.68 -14.21 25.36
C ASP D 146 14.19 -12.99 26.13
N LEU D 147 15.21 -12.32 25.61
CA LEU D 147 15.69 -11.13 26.30
C LEU D 147 14.55 -10.13 26.45
N TYR D 148 14.42 -9.59 27.66
CA TYR D 148 13.40 -8.59 28.03
C TYR D 148 11.98 -9.12 28.12
N LYS D 149 11.81 -10.43 28.04
CA LYS D 149 10.53 -11.04 28.41
C LYS D 149 10.44 -11.18 29.92
N THR D 150 11.61 -11.17 30.58
CA THR D 150 11.75 -11.22 32.04
C THR D 150 12.69 -10.08 32.41
N GLU D 151 12.84 -9.79 33.71
CA GLU D 151 13.77 -8.75 34.13
C GLU D 151 15.20 -9.19 33.79
N PRO D 152 15.99 -8.31 33.13
CA PRO D 152 17.34 -8.72 32.75
C PRO D 152 18.35 -8.81 33.91
N LYS D 153 18.05 -8.17 35.05
CA LYS D 153 18.92 -8.27 36.24
C LYS D 153 20.37 -7.97 35.85
N ASP D 154 21.30 -8.87 36.17
CA ASP D 154 22.72 -8.56 35.87
C ASP D 154 23.26 -9.25 34.61
N SER D 155 22.37 -9.59 33.68
CA SER D 155 22.76 -10.13 32.38
C SER D 155 23.69 -9.17 31.63
N LYS D 156 24.72 -9.71 30.98
CA LYS D 156 25.73 -8.88 30.30
C LYS D 156 26.16 -9.57 29.00
N ILE D 157 26.68 -8.74 28.10
CA ILE D 157 27.43 -9.20 26.92
C ILE D 157 28.89 -8.78 27.14
N ARG D 158 29.83 -9.71 26.97
CA ARG D 158 31.25 -9.39 26.98
C ARG D 158 31.87 -9.67 25.60
N VAL D 159 32.42 -8.64 24.99
CA VAL D 159 33.10 -8.77 23.70
C VAL D 159 34.61 -8.71 24.00
N THR D 160 35.33 -9.77 23.63
CA THR D 160 36.76 -9.88 23.87
C THR D 160 37.54 -9.78 22.58
N MET D 161 38.57 -8.93 22.60
CA MET D 161 39.45 -8.73 21.47
C MET D 161 40.69 -9.65 21.48
N LYS D 162 41.31 -9.75 20.31
CA LYS D 162 42.53 -10.52 20.12
C LYS D 162 43.66 -9.98 21.02
N ASN D 163 43.72 -8.66 21.18
CA ASN D 163 44.77 -8.06 22.02
C ASN D 163 44.47 -8.18 23.52
N GLY D 164 43.34 -8.83 23.86
CA GLY D 164 42.93 -9.02 25.26
C GLY D 164 41.99 -7.95 25.82
N ASP D 165 41.85 -6.83 25.13
CA ASP D 165 40.83 -5.84 25.54
C ASP D 165 39.45 -6.47 25.50
N PHE D 166 38.57 -5.95 26.35
CA PHE D 166 37.18 -6.40 26.33
C PHE D 166 36.22 -5.26 26.59
N TYR D 167 34.99 -5.43 26.10
CA TYR D 167 33.93 -4.44 26.25
C TYR D 167 32.74 -5.16 26.88
N THR D 168 32.10 -4.52 27.84
CA THR D 168 30.94 -5.12 28.47
C THR D 168 29.72 -4.26 28.17
N PHE D 169 28.64 -4.89 27.69
CA PHE D 169 27.36 -4.19 27.62
C PHE D 169 26.42 -4.78 28.69
N GLU D 170 26.08 -3.96 29.68
N GLU D 170 26.10 -3.98 29.71
CA GLU D 170 25.15 -4.36 30.73
CA GLU D 170 25.13 -4.39 30.71
C GLU D 170 23.72 -4.29 30.18
C GLU D 170 23.74 -4.32 30.10
N LEU D 171 23.03 -5.44 30.18
CA LEU D 171 21.72 -5.54 29.55
C LEU D 171 20.58 -4.86 30.29
N ASN D 172 20.79 -4.44 31.56
CA ASN D 172 19.71 -3.77 32.29
C ASN D 172 19.68 -2.26 32.04
N LYS D 173 20.43 -1.81 31.05
CA LYS D 173 20.37 -0.41 30.66
C LYS D 173 20.77 -0.26 29.20
N LYS D 174 20.31 0.82 28.55
CA LYS D 174 20.79 1.12 27.19
C LYS D 174 22.30 1.27 27.15
N LEU D 175 22.93 0.97 26.01
CA LEU D 175 24.32 1.37 25.83
C LEU D 175 24.43 2.88 26.09
N GLN D 176 25.46 3.26 26.83
CA GLN D 176 25.64 4.65 27.23
C GLN D 176 25.93 5.45 25.97
N THR D 177 25.29 6.61 25.85
CA THR D 177 25.39 7.36 24.59
C THR D 177 26.85 7.71 24.26
N HIS D 178 27.65 8.00 25.29
CA HIS D 178 29.04 8.39 25.07
C HIS D 178 29.87 7.30 24.42
N ARG D 179 29.33 6.08 24.42
CA ARG D 179 30.01 4.90 23.88
C ARG D 179 29.62 4.60 22.46
N MET D 180 28.55 5.24 21.99
CA MET D 180 27.94 4.80 20.73
C MET D 180 28.80 5.10 19.52
N GLY D 181 29.68 6.09 19.66
CA GLY D 181 30.63 6.45 18.58
C GLY D 181 31.98 5.76 18.66
N ASP D 182 32.17 4.92 19.67
CA ASP D 182 33.43 4.17 19.83
C ASP D 182 33.49 3.10 18.78
N VAL D 183 34.67 2.91 18.21
CA VAL D 183 34.82 1.93 17.11
C VAL D 183 35.93 0.94 17.44
N ILE D 184 35.85 -0.23 16.83
CA ILE D 184 36.85 -1.25 17.02
C ILE D 184 37.13 -1.94 15.71
N ASP D 185 38.23 -2.67 15.67
CA ASP D 185 38.68 -3.28 14.44
C ASP D 185 37.95 -4.65 14.34
N GLY D 186 37.03 -4.77 13.38
CA GLY D 186 36.16 -5.96 13.27
C GLY D 186 36.95 -7.24 13.12
N ARG D 187 38.12 -7.10 12.49
CA ARG D 187 39.03 -8.24 12.29
C ARG D 187 39.60 -8.81 13.55
N ASN D 188 39.59 -8.03 14.63
CA ASN D 188 40.24 -8.42 15.85
C ASN D 188 39.25 -8.87 16.94
N ILE D 189 37.95 -8.97 16.64
CA ILE D 189 37.02 -9.50 17.64
C ILE D 189 37.23 -11.01 17.71
N GLU D 190 37.36 -11.58 18.91
CA GLU D 190 37.65 -13.00 19.05
C GLU D 190 36.55 -13.85 19.67
N LYS D 191 35.73 -13.26 20.53
CA LYS D 191 34.73 -14.04 21.25
C LYS D 191 33.67 -13.10 21.77
N ILE D 192 32.44 -13.57 21.83
CA ILE D 192 31.36 -12.80 22.45
C ILE D 192 30.66 -13.75 23.43
N GLU D 193 30.54 -13.31 24.68
CA GLU D 193 29.94 -14.17 25.73
C GLU D 193 28.81 -13.45 26.41
N VAL D 194 27.65 -14.10 26.47
CA VAL D 194 26.47 -13.51 27.05
C VAL D 194 26.07 -14.38 28.24
N ASN D 195 25.90 -13.76 29.41
CA ASN D 195 25.36 -14.48 30.53
CA ASN D 195 25.39 -14.45 30.58
C ASN D 195 23.98 -13.96 30.83
N LEU D 196 23.02 -14.87 30.81
CA LEU D 196 21.63 -14.51 31.03
C LEU D 196 21.16 -15.12 32.36
P PO4 E . -18.84 11.50 -14.11
O1 PO4 E . -18.79 11.10 -15.57
O2 PO4 E . -17.63 12.38 -13.85
O3 PO4 E . -20.09 12.31 -13.88
O4 PO4 E . -18.76 10.27 -13.24
P PO4 F . 16.38 -20.65 12.40
O1 PO4 F . 15.52 -19.82 11.49
O2 PO4 F . 16.75 -19.81 13.61
O3 PO4 F . 15.70 -21.92 12.88
O4 PO4 F . 17.63 -21.01 11.63
P PO4 G . -17.87 18.91 -18.20
O1 PO4 G . -17.22 20.24 -18.54
O2 PO4 G . -18.00 18.80 -16.69
O3 PO4 G . -19.25 18.89 -18.80
O4 PO4 G . -17.07 17.75 -18.72
P PO4 H . 18.46 -12.58 14.62
O1 PO4 H . 18.40 -12.45 13.10
O2 PO4 H . 18.63 -11.18 15.21
O3 PO4 H . 17.20 -13.31 15.05
O4 PO4 H . 19.67 -13.45 14.96
NA NA I . 24.55 -3.42 9.58
#